data_3V5R
#
_entry.id   3V5R
#
_cell.length_a   153.359
_cell.length_b   153.359
_cell.length_c   118.591
_cell.angle_alpha   90.00
_cell.angle_beta   90.00
_cell.angle_gamma   120.00
#
_symmetry.space_group_name_H-M   'P 32 2 1'
#
loop_
_entity.id
_entity.type
_entity.pdbx_description
1 polymer 'Protein GAL3'
2 non-polymer 'SULFATE ION'
3 water water
#
_entity_poly.entity_id   1
_entity_poly.type   'polypeptide(L)'
_entity_poly.pdbx_seq_one_letter_code
;SRSFEQKHLAVVDAFFQTYHVKPDFIARSPGRVNLIGEHIDYCDFSVLPLAIDVDMLCAVKILDEKNPSITLTNADPKFA
QRKFDLPLDGSYMAIDPSVSEWSNYFKCGLHVAHSYLKKIAPERFNNTPLVGAQIFCQSDIPTGGGLSSAFTCAAALATI
RANMGKNFDISKKDLTRITAVAEHYVGVNNGGMDQATSVYGEEDHALYVEFRPKLKATPFKFPQLKNHEISFVIANTLVK
SNKFETAPTNYNLRVIEVTVAANALATRYSVALPSHKDNSNSERGNLRDFMDAYYARYENQAQPWNGDIGTGIERLLKML
QLVEESFSRKKSGFTVHEASTALNCSREEFTRDYLTTFPVRFQVLKLYQRAKHVYSESLRVLKALKMMTSATFHTDEDFF
TDFGRLMNESQASCDKLYECSCIETNQICSIALANGSFGSRLTGAGWGGCTIHLVPSGANGNVEQVRKALIEKFYNVRYP
DLTDEELKDAIIVSKPALGTCLYEQ
;
_entity_poly.pdbx_strand_id   A,B
#
loop_
_chem_comp.id
_chem_comp.type
_chem_comp.name
_chem_comp.formula
SO4 non-polymer 'SULFATE ION' 'O4 S -2'
#
# COMPACT_ATOMS: atom_id res chain seq x y z
N PHE A 4 27.38 24.57 -12.19
CA PHE A 4 26.45 25.03 -13.22
C PHE A 4 26.99 24.72 -14.62
N GLU A 5 27.77 25.66 -15.17
CA GLU A 5 28.41 25.43 -16.46
C GLU A 5 29.61 24.51 -16.27
N GLN A 6 30.14 24.47 -15.06
CA GLN A 6 31.28 23.65 -14.70
C GLN A 6 30.91 22.17 -14.87
N LYS A 7 29.68 21.88 -14.49
CA LYS A 7 29.15 20.53 -14.48
C LYS A 7 29.02 20.03 -15.91
N HIS A 8 28.60 20.93 -16.80
CA HIS A 8 28.34 20.56 -18.18
CA HIS A 8 28.37 20.67 -18.23
C HIS A 8 29.64 20.15 -18.87
N LEU A 9 30.74 20.83 -18.57
CA LEU A 9 32.02 20.47 -19.16
C LEU A 9 32.55 19.17 -18.60
N ALA A 10 32.38 18.98 -17.30
CA ALA A 10 32.87 17.78 -16.65
C ALA A 10 32.25 16.55 -17.28
N VAL A 11 30.99 16.64 -17.70
CA VAL A 11 30.33 15.45 -18.24
C VAL A 11 30.79 15.17 -19.68
N VAL A 12 31.04 16.23 -20.43
CA VAL A 12 31.57 16.06 -21.79
C VAL A 12 32.97 15.46 -21.71
N ASP A 13 33.79 16.00 -20.81
CA ASP A 13 35.16 15.54 -20.67
C ASP A 13 35.25 14.09 -20.17
N ALA A 14 34.38 13.72 -19.22
CA ALA A 14 34.33 12.35 -18.76
C ALA A 14 33.80 11.39 -19.84
N PHE A 15 32.84 11.86 -20.64
CA PHE A 15 32.35 11.07 -21.78
C PHE A 15 33.54 10.75 -22.69
N PHE A 16 34.38 11.76 -22.93
CA PHE A 16 35.50 11.58 -23.83
C PHE A 16 36.53 10.59 -23.25
N GLN A 17 36.77 10.67 -21.95
CA GLN A 17 37.66 9.69 -21.29
C GLN A 17 37.14 8.26 -21.46
N THR A 18 35.83 8.09 -21.40
CA THR A 18 35.20 6.77 -21.40
C THR A 18 35.14 6.17 -22.80
N TYR A 19 34.68 6.97 -23.75
CA TYR A 19 34.37 6.47 -25.09
C TYR A 19 35.34 6.94 -26.18
N HIS A 20 36.27 7.83 -25.83
CA HIS A 20 37.33 8.28 -26.74
C HIS A 20 36.82 9.00 -27.98
N VAL A 21 35.65 9.61 -27.87
CA VAL A 21 35.08 10.36 -28.97
C VAL A 21 34.29 11.50 -28.31
N LYS A 22 34.12 12.61 -29.03
CA LYS A 22 33.34 13.73 -28.53
C LYS A 22 31.86 13.33 -28.60
N PRO A 23 31.08 13.65 -27.56
CA PRO A 23 29.65 13.34 -27.68
C PRO A 23 28.94 14.26 -28.68
N ASP A 24 27.83 13.82 -29.26
CA ASP A 24 27.06 14.66 -30.18
C ASP A 24 26.25 15.71 -29.45
N PHE A 25 25.75 15.38 -28.27
CA PHE A 25 24.94 16.32 -27.51
C PHE A 25 24.84 15.88 -26.06
N ILE A 26 24.32 16.76 -25.21
CA ILE A 26 24.01 16.41 -23.82
C ILE A 26 22.53 16.68 -23.62
N ALA A 27 21.83 15.76 -22.97
CA ALA A 27 20.47 16.00 -22.52
C ALA A 27 20.54 16.21 -21.03
N ARG A 28 19.84 17.23 -20.54
CA ARG A 28 19.85 17.56 -19.13
C ARG A 28 18.43 17.67 -18.60
N SER A 29 18.19 17.18 -17.39
CA SER A 29 16.92 17.42 -16.74
C SER A 29 17.09 17.58 -15.23
N PRO A 30 16.44 18.59 -14.65
CA PRO A 30 16.71 18.91 -13.25
C PRO A 30 15.89 18.09 -12.24
N GLY A 31 16.38 18.08 -11.01
CA GLY A 31 15.60 17.57 -9.89
C GLY A 31 14.44 18.50 -9.60
N ARG A 32 13.65 18.16 -8.58
CA ARG A 32 12.49 18.94 -8.23
C ARG A 32 12.27 18.87 -6.72
N VAL A 33 11.53 19.84 -6.23
CA VAL A 33 11.10 19.81 -4.86
C VAL A 33 9.80 20.58 -4.76
N ASN A 34 8.92 20.15 -3.85
CA ASN A 34 7.66 20.85 -3.63
C ASN A 34 7.80 21.96 -2.58
N LEU A 35 7.38 23.17 -2.92
CA LEU A 35 7.55 24.30 -2.01
C LEU A 35 6.32 24.50 -1.14
N ILE A 36 5.14 24.37 -1.73
CA ILE A 36 3.91 24.42 -0.94
C ILE A 36 2.95 23.42 -1.55
N GLY A 37 2.16 22.76 -0.71
CA GLY A 37 1.07 21.92 -1.20
C GLY A 37 1.29 20.44 -0.96
N GLU A 38 1.36 20.03 0.30
CA GLU A 38 1.64 18.64 0.61
C GLU A 38 0.37 17.87 0.94
N HIS A 39 0.27 16.65 0.43
CA HIS A 39 -0.88 15.78 0.67
C HIS A 39 -2.23 16.36 0.25
N ILE A 40 -2.24 17.02 -0.90
CA ILE A 40 -3.47 17.57 -1.46
C ILE A 40 -3.64 17.11 -2.91
N ASP A 41 -2.59 16.56 -3.50
CA ASP A 41 -2.65 16.21 -4.92
C ASP A 41 -3.63 15.08 -5.21
N TYR A 42 -3.80 14.15 -4.25
CA TYR A 42 -4.76 13.08 -4.47
C TYR A 42 -6.19 13.49 -4.16
N CYS A 43 -6.38 14.73 -3.72
CA CYS A 43 -7.71 15.32 -3.73
C CYS A 43 -7.88 16.27 -4.93
N ASP A 44 -6.97 16.15 -5.91
CA ASP A 44 -7.01 16.93 -7.15
C ASP A 44 -6.68 18.42 -7.00
N PHE A 45 -6.14 18.83 -5.87
CA PHE A 45 -5.75 20.22 -5.71
C PHE A 45 -4.34 20.47 -6.23
N SER A 46 -4.09 21.69 -6.66
CA SER A 46 -2.85 22.09 -7.30
C SER A 46 -1.72 22.38 -6.31
N VAL A 47 -0.49 22.17 -6.75
CA VAL A 47 0.67 22.26 -5.86
C VAL A 47 1.68 23.25 -6.44
N LEU A 48 2.68 23.61 -5.65
CA LEU A 48 3.64 24.62 -6.05
C LEU A 48 5.08 24.08 -5.95
N PRO A 49 5.53 23.35 -6.97
CA PRO A 49 6.92 22.90 -6.94
C PRO A 49 7.88 23.80 -7.69
N LEU A 50 9.15 23.43 -7.67
CA LEU A 50 10.12 24.10 -8.50
C LEU A 50 11.17 23.11 -8.91
N ALA A 51 11.80 23.38 -10.05
CA ALA A 51 12.97 22.63 -10.48
C ALA A 51 14.16 23.18 -9.75
N ILE A 52 15.13 22.32 -9.42
CA ILE A 52 16.23 22.73 -8.59
C ILE A 52 17.52 22.49 -9.34
N ASP A 53 18.61 23.02 -8.82
CA ASP A 53 19.82 23.05 -9.62
C ASP A 53 20.75 21.87 -9.40
N VAL A 54 20.16 20.74 -9.07
CA VAL A 54 20.83 19.46 -9.24
C VAL A 54 20.14 18.81 -10.42
N ASP A 55 20.86 17.99 -11.17
CA ASP A 55 20.30 17.46 -12.40
C ASP A 55 20.89 16.11 -12.78
N MET A 56 20.25 15.48 -13.77
CA MET A 56 20.86 14.36 -14.47
C MET A 56 21.33 14.89 -15.83
N LEU A 57 22.56 14.56 -16.17
CA LEU A 57 23.16 14.95 -17.45
C LEU A 57 23.50 13.69 -18.21
N CYS A 58 23.04 13.60 -19.45
CA CYS A 58 23.35 12.43 -20.28
C CYS A 58 24.07 12.87 -21.54
N ALA A 59 25.40 12.67 -21.59
CA ALA A 59 26.15 12.97 -22.81
C ALA A 59 26.01 11.77 -23.76
N VAL A 60 25.71 12.03 -25.03
CA VAL A 60 25.37 10.98 -25.97
C VAL A 60 26.17 11.08 -27.28
N LYS A 61 26.74 9.96 -27.71
CA LYS A 61 27.22 9.82 -29.09
C LYS A 61 26.28 8.85 -29.81
N ILE A 62 25.75 9.30 -30.94
CA ILE A 62 24.85 8.49 -31.75
C ILE A 62 25.67 7.53 -32.60
N LEU A 63 25.30 6.25 -32.63
CA LEU A 63 26.07 5.28 -33.41
C LEU A 63 25.43 4.85 -34.73
N ASP A 64 26.24 4.40 -35.68
CA ASP A 64 25.71 3.79 -36.89
C ASP A 64 26.06 2.31 -36.90
N GLU A 65 25.12 1.47 -36.46
CA GLU A 65 25.39 0.05 -36.33
C GLU A 65 24.40 -0.82 -37.08
N LYS A 66 24.87 -1.97 -37.54
CA LYS A 66 24.02 -2.99 -38.13
C LYS A 66 23.04 -3.47 -37.05
N ASN A 67 23.58 -3.86 -35.90
CA ASN A 67 22.75 -4.24 -34.76
C ASN A 67 22.86 -3.21 -33.62
N PRO A 68 21.90 -2.28 -33.54
CA PRO A 68 21.94 -1.17 -32.60
C PRO A 68 22.12 -1.64 -31.15
N SER A 69 22.98 -0.96 -30.42
CA SER A 69 23.19 -1.26 -29.01
C SER A 69 23.34 0.03 -28.25
N ILE A 70 23.02 0.00 -26.97
CA ILE A 70 23.22 1.17 -26.13
C ILE A 70 24.16 0.84 -24.98
N THR A 71 25.18 1.67 -24.80
CA THR A 71 26.08 1.51 -23.66
C THR A 71 25.87 2.67 -22.71
N LEU A 72 25.72 2.34 -21.42
CA LEU A 72 25.50 3.34 -20.39
C LEU A 72 26.60 3.26 -19.37
N THR A 73 27.27 4.37 -19.15
CA THR A 73 28.30 4.45 -18.13
C THR A 73 27.89 5.58 -17.21
N ASN A 74 28.13 5.40 -15.91
CA ASN A 74 27.75 6.39 -14.92
C ASN A 74 29.00 6.99 -14.30
N ALA A 75 28.97 8.27 -13.98
CA ALA A 75 30.10 8.91 -13.32
C ALA A 75 30.40 8.27 -11.95
N ASP A 76 29.34 7.81 -11.29
CA ASP A 76 29.46 7.24 -9.95
C ASP A 76 29.92 5.78 -10.06
N PRO A 77 31.11 5.47 -9.51
CA PRO A 77 31.73 4.13 -9.56
C PRO A 77 30.82 3.00 -9.08
N LYS A 78 29.87 3.28 -8.19
CA LYS A 78 29.02 2.21 -7.68
C LYS A 78 27.94 1.75 -8.67
N PHE A 79 27.76 2.50 -9.76
CA PHE A 79 26.80 2.11 -10.80
C PHE A 79 27.55 1.55 -12.01
N ALA A 80 27.59 0.23 -12.13
CA ALA A 80 28.42 -0.44 -13.13
C ALA A 80 27.91 -0.20 -14.55
N GLN A 81 28.82 -0.30 -15.51
CA GLN A 81 28.48 -0.07 -16.92
C GLN A 81 27.42 -1.07 -17.38
N ARG A 82 26.48 -0.61 -18.22
CA ARG A 82 25.44 -1.48 -18.75
C ARG A 82 25.45 -1.42 -20.26
N LYS A 83 25.22 -2.56 -20.90
CA LYS A 83 25.16 -2.60 -22.35
C LYS A 83 24.03 -3.53 -22.75
N PHE A 84 23.23 -3.12 -23.74
CA PHE A 84 22.15 -3.97 -24.20
C PHE A 84 21.80 -3.71 -25.66
N ASP A 85 21.37 -4.75 -26.35
CA ASP A 85 21.01 -4.67 -27.75
C ASP A 85 19.55 -4.27 -27.88
N LEU A 86 19.27 -3.32 -28.77
CA LEU A 86 17.88 -2.96 -29.05
C LEU A 86 17.24 -4.07 -29.90
N PRO A 87 15.99 -4.43 -29.61
CA PRO A 87 15.34 -5.51 -30.37
C PRO A 87 15.25 -5.17 -31.87
N LEU A 88 15.67 -6.09 -32.71
CA LEU A 88 15.71 -5.86 -34.16
C LEU A 88 14.32 -5.78 -34.77
N ASP A 89 13.32 -6.32 -34.08
CA ASP A 89 11.94 -6.28 -34.59
C ASP A 89 11.26 -4.95 -34.31
N GLY A 90 11.92 -4.09 -33.52
CA GLY A 90 11.38 -2.79 -33.21
C GLY A 90 10.50 -2.80 -31.97
N SER A 91 10.48 -3.94 -31.28
CA SER A 91 9.64 -4.07 -30.10
C SER A 91 10.27 -3.33 -28.94
N TYR A 92 9.46 -3.00 -27.95
CA TYR A 92 9.98 -2.34 -26.77
C TYR A 92 10.96 -3.24 -26.03
N MET A 93 12.06 -2.65 -25.57
CA MET A 93 12.99 -3.30 -24.66
C MET A 93 12.22 -3.91 -23.51
N ALA A 94 12.73 -5.02 -22.99
CA ALA A 94 12.15 -5.61 -21.80
C ALA A 94 12.68 -4.90 -20.56
N ILE A 95 11.76 -4.42 -19.74
CA ILE A 95 12.14 -3.86 -18.45
CA ILE A 95 12.11 -3.83 -18.45
C ILE A 95 11.41 -4.63 -17.35
N ASP A 96 12.13 -4.92 -16.28
CA ASP A 96 11.53 -5.64 -15.16
C ASP A 96 11.79 -4.84 -13.88
N PRO A 97 10.73 -4.29 -13.29
CA PRO A 97 10.88 -3.43 -12.11
C PRO A 97 10.97 -4.21 -10.80
N SER A 98 11.39 -5.46 -10.86
CA SER A 98 11.68 -6.21 -9.64
C SER A 98 13.19 -6.12 -9.34
N VAL A 99 13.80 -5.02 -9.77
CA VAL A 99 15.21 -4.77 -9.50
C VAL A 99 15.41 -3.30 -9.15
N SER A 100 16.47 -2.99 -8.43
CA SER A 100 16.80 -1.61 -8.09
C SER A 100 17.84 -1.04 -9.07
N GLU A 101 17.88 -1.64 -10.25
CA GLU A 101 18.89 -1.40 -11.28
C GLU A 101 18.98 0.08 -11.73
N TRP A 102 20.19 0.65 -11.69
CA TRP A 102 20.35 2.09 -11.92
C TRP A 102 19.92 2.54 -13.32
N SER A 103 20.02 1.62 -14.28
CA SER A 103 19.64 1.88 -15.66
C SER A 103 18.14 1.80 -15.94
N ASN A 104 17.33 1.38 -14.96
CA ASN A 104 15.89 1.25 -15.20
C ASN A 104 15.26 2.55 -15.62
N TYR A 105 15.68 3.65 -14.99
CA TYR A 105 15.11 4.95 -15.31
C TYR A 105 15.46 5.34 -16.76
N PHE A 106 16.66 4.97 -17.22
CA PHE A 106 17.00 5.24 -18.61
C PHE A 106 16.06 4.46 -19.53
N LYS A 107 15.80 3.22 -19.15
CA LYS A 107 14.97 2.36 -19.99
C LYS A 107 13.53 2.84 -20.06
N CYS A 108 13.01 3.41 -18.97
CA CYS A 108 11.70 4.05 -18.97
C CYS A 108 11.68 5.18 -19.99
N GLY A 109 12.68 6.05 -19.93
CA GLY A 109 12.76 7.18 -20.84
C GLY A 109 12.84 6.73 -22.28
N LEU A 110 13.67 5.71 -22.52
CA LEU A 110 13.81 5.16 -23.85
C LEU A 110 12.48 4.61 -24.35
N HIS A 111 11.76 3.95 -23.45
CA HIS A 111 10.49 3.34 -23.80
C HIS A 111 9.43 4.38 -24.19
N VAL A 112 9.25 5.40 -23.35
CA VAL A 112 8.20 6.36 -23.65
C VAL A 112 8.56 7.17 -24.88
N ALA A 113 9.85 7.41 -25.11
CA ALA A 113 10.26 8.09 -26.34
C ALA A 113 9.94 7.22 -27.54
N HIS A 114 10.21 5.94 -27.41
CA HIS A 114 9.97 4.99 -28.51
C HIS A 114 8.50 4.97 -28.92
N SER A 115 7.60 4.96 -27.96
CA SER A 115 6.19 4.91 -28.31
C SER A 115 5.74 6.23 -28.95
N TYR A 116 6.28 7.36 -28.49
CA TYR A 116 6.01 8.65 -29.14
C TYR A 116 6.46 8.64 -30.61
N LEU A 117 7.68 8.16 -30.85
CA LEU A 117 8.26 8.09 -32.18
C LEU A 117 7.46 7.17 -33.09
N LYS A 118 6.92 6.10 -32.54
CA LYS A 118 6.05 5.21 -33.31
C LYS A 118 4.77 5.92 -33.71
N LYS A 119 4.27 6.77 -32.82
CA LYS A 119 3.09 7.56 -33.13
C LYS A 119 3.32 8.57 -34.27
N ILE A 120 4.41 9.32 -34.20
CA ILE A 120 4.61 10.40 -35.18
C ILE A 120 5.25 9.95 -36.48
N ALA A 121 5.96 8.83 -36.45
CA ALA A 121 6.65 8.34 -37.63
C ALA A 121 6.62 6.82 -37.74
N PRO A 122 5.41 6.24 -37.90
CA PRO A 122 5.20 4.79 -37.95
C PRO A 122 6.09 4.04 -38.96
N GLU A 123 6.21 4.53 -40.18
CA GLU A 123 6.97 3.80 -41.20
C GLU A 123 8.45 3.73 -40.84
N ARG A 124 8.91 4.66 -40.01
CA ARG A 124 10.30 4.64 -39.59
C ARG A 124 10.52 3.76 -38.36
N PHE A 125 9.55 3.74 -37.45
CA PHE A 125 9.78 3.18 -36.10
C PHE A 125 8.93 1.98 -35.66
N ASN A 126 7.94 1.59 -36.45
CA ASN A 126 7.12 0.43 -36.09
C ASN A 126 7.89 -0.89 -36.13
N ASN A 127 8.70 -1.10 -37.15
CA ASN A 127 9.36 -2.40 -37.30
C ASN A 127 10.88 -2.28 -37.43
N THR A 128 11.42 -1.17 -36.94
CA THR A 128 12.85 -0.91 -37.02
C THR A 128 13.31 -0.52 -35.62
N PRO A 129 14.53 -0.93 -35.23
CA PRO A 129 15.02 -0.50 -33.92
C PRO A 129 15.37 0.99 -33.93
N LEU A 130 15.44 1.60 -32.76
CA LEU A 130 16.01 2.93 -32.59
C LEU A 130 17.51 2.86 -32.89
N VAL A 131 18.16 4.02 -33.00
CA VAL A 131 19.61 4.09 -33.21
CA VAL A 131 19.60 4.10 -33.21
C VAL A 131 20.37 3.69 -31.96
N GLY A 132 21.56 3.12 -32.14
CA GLY A 132 22.42 2.80 -31.02
C GLY A 132 23.12 4.04 -30.45
N ALA A 133 23.73 3.90 -29.28
CA ALA A 133 24.37 5.05 -28.64
C ALA A 133 25.40 4.65 -27.59
N GLN A 134 26.33 5.57 -27.34
CA GLN A 134 27.18 5.51 -26.17
C GLN A 134 26.77 6.66 -25.29
N ILE A 135 26.51 6.38 -24.02
CA ILE A 135 25.92 7.41 -23.15
C ILE A 135 26.70 7.50 -21.85
N PHE A 136 27.01 8.71 -21.42
CA PHE A 136 27.63 8.91 -20.11
C PHE A 136 26.65 9.67 -19.23
N CYS A 137 26.31 9.10 -18.08
CA CYS A 137 25.29 9.66 -17.19
C CYS A 137 25.92 10.20 -15.91
N GLN A 138 25.55 11.41 -15.54
CA GLN A 138 26.12 11.99 -14.33
C GLN A 138 25.06 12.81 -13.62
N SER A 139 24.78 12.45 -12.38
CA SER A 139 23.74 13.13 -11.60
C SER A 139 24.24 13.54 -10.23
N ASP A 140 23.88 14.75 -9.80
CA ASP A 140 24.12 15.10 -8.40
C ASP A 140 22.82 15.27 -7.63
N ILE A 141 21.75 14.65 -8.12
CA ILE A 141 20.46 14.67 -7.42
C ILE A 141 20.46 13.70 -6.25
N PRO A 142 20.29 14.22 -5.03
CA PRO A 142 20.28 13.33 -3.86
C PRO A 142 18.89 12.75 -3.64
N THR A 143 18.77 11.85 -2.66
CA THR A 143 17.50 11.29 -2.25
C THR A 143 16.52 12.40 -1.94
N GLY A 144 15.32 12.29 -2.51
CA GLY A 144 14.29 13.29 -2.26
C GLY A 144 14.21 14.34 -3.36
N GLY A 145 15.22 14.37 -4.23
CA GLY A 145 15.28 15.42 -5.22
C GLY A 145 14.72 15.00 -6.56
N GLY A 146 14.12 13.81 -6.62
CA GLY A 146 13.43 13.36 -7.83
C GLY A 146 14.33 12.89 -8.97
N LEU A 147 15.30 12.05 -8.64
CA LEU A 147 16.20 11.48 -9.64
C LEU A 147 15.43 10.69 -10.69
N SER A 148 14.41 9.94 -10.26
CA SER A 148 13.72 9.06 -11.18
C SER A 148 13.05 9.81 -12.35
N SER A 149 12.41 10.93 -12.06
CA SER A 149 11.78 11.70 -13.12
C SER A 149 12.82 12.47 -13.94
N ALA A 150 13.82 13.02 -13.29
CA ALA A 150 14.88 13.72 -14.04
C ALA A 150 15.58 12.79 -15.04
N PHE A 151 15.92 11.58 -14.61
CA PHE A 151 16.62 10.62 -15.47
C PHE A 151 15.69 10.18 -16.62
N THR A 152 14.44 9.89 -16.27
CA THR A 152 13.43 9.50 -17.24
C THR A 152 13.26 10.57 -18.32
N CYS A 153 13.15 11.83 -17.90
CA CYS A 153 12.99 12.95 -18.82
C CYS A 153 14.23 13.18 -19.69
N ALA A 154 15.42 13.16 -19.09
CA ALA A 154 16.64 13.37 -19.88
C ALA A 154 16.79 12.23 -20.88
N ALA A 155 16.48 11.02 -20.43
CA ALA A 155 16.58 9.85 -21.30
C ALA A 155 15.57 9.89 -22.45
N ALA A 156 14.35 10.32 -22.17
CA ALA A 156 13.35 10.42 -23.23
C ALA A 156 13.75 11.49 -24.26
N LEU A 157 14.21 12.64 -23.79
CA LEU A 157 14.63 13.69 -24.73
C LEU A 157 15.86 13.25 -25.52
N ALA A 158 16.82 12.62 -24.87
CA ALA A 158 18.03 12.10 -25.55
C ALA A 158 17.65 11.11 -26.68
N THR A 159 16.67 10.26 -26.42
CA THR A 159 16.24 9.26 -27.39
C THR A 159 15.56 9.96 -28.58
N ILE A 160 14.70 10.92 -28.29
CA ILE A 160 14.07 11.71 -29.35
C ILE A 160 15.10 12.46 -30.20
N ARG A 161 16.00 13.17 -29.55
CA ARG A 161 17.06 13.89 -30.24
C ARG A 161 17.93 12.94 -31.09
N ALA A 162 18.33 11.81 -30.52
CA ALA A 162 19.20 10.88 -31.24
C ALA A 162 18.53 10.35 -32.48
N ASN A 163 17.23 10.14 -32.43
CA ASN A 163 16.55 9.50 -33.54
C ASN A 163 15.91 10.46 -34.52
N MET A 164 15.57 11.67 -34.08
CA MET A 164 14.93 12.63 -34.96
C MET A 164 15.86 13.75 -35.45
N GLY A 165 17.02 13.92 -34.80
CA GLY A 165 17.98 14.94 -35.22
C GLY A 165 17.80 16.26 -34.49
N LYS A 166 18.75 17.16 -34.64
CA LYS A 166 18.73 18.40 -33.86
C LYS A 166 17.66 19.40 -34.30
N ASN A 167 17.14 19.24 -35.50
N ASN A 167 17.14 19.26 -35.51
CA ASN A 167 16.13 20.15 -35.99
CA ASN A 167 16.09 20.16 -35.97
C ASN A 167 14.68 19.69 -35.70
C ASN A 167 14.75 19.88 -35.31
N PHE A 168 14.55 18.62 -34.91
CA PHE A 168 13.24 18.21 -34.39
C PHE A 168 13.01 18.81 -33.02
N ASP A 169 11.81 19.35 -32.77
CA ASP A 169 11.51 19.86 -31.42
C ASP A 169 10.28 19.15 -30.87
N ILE A 170 10.35 18.71 -29.61
CA ILE A 170 9.16 18.24 -28.94
C ILE A 170 8.75 19.33 -27.96
N SER A 171 7.47 19.62 -27.92
CA SER A 171 6.96 20.65 -27.01
C SER A 171 7.07 20.17 -25.56
N LYS A 172 7.14 21.12 -24.63
CA LYS A 172 7.08 20.80 -23.22
C LYS A 172 5.81 20.03 -22.90
N LYS A 173 4.71 20.41 -23.55
CA LYS A 173 3.44 19.75 -23.31
C LYS A 173 3.50 18.27 -23.71
N ASP A 174 4.09 17.96 -24.86
CA ASP A 174 4.19 16.55 -25.26
C ASP A 174 5.23 15.79 -24.44
N LEU A 175 6.35 16.42 -24.12
CA LEU A 175 7.39 15.72 -23.38
C LEU A 175 6.86 15.38 -21.98
N THR A 176 6.14 16.32 -21.38
CA THR A 176 5.49 16.09 -20.08
C THR A 176 4.49 14.93 -20.14
N ARG A 177 3.61 14.95 -21.13
CA ARG A 177 2.62 13.89 -21.28
C ARG A 177 3.28 12.52 -21.40
N ILE A 178 4.25 12.38 -22.30
CA ILE A 178 4.79 11.04 -22.53
C ILE A 178 5.65 10.52 -21.37
N THR A 179 6.37 11.41 -20.69
CA THR A 179 7.17 10.98 -19.55
C THR A 179 6.32 10.71 -18.29
N ALA A 180 5.21 11.41 -18.13
CA ALA A 180 4.38 11.20 -16.93
C ALA A 180 3.83 9.76 -16.89
N VAL A 181 3.70 9.13 -18.06
CA VAL A 181 3.29 7.72 -18.13
C VAL A 181 4.25 6.80 -17.37
N ALA A 182 5.53 7.19 -17.31
CA ALA A 182 6.57 6.37 -16.67
C ALA A 182 6.37 6.12 -15.17
N GLU A 183 5.46 6.86 -14.54
CA GLU A 183 5.12 6.59 -13.15
C GLU A 183 4.77 5.13 -12.89
N HIS A 184 4.19 4.44 -13.87
CA HIS A 184 3.81 3.04 -13.66
C HIS A 184 4.99 2.08 -13.89
N TYR A 185 6.15 2.63 -14.27
CA TYR A 185 7.37 1.82 -14.39
C TYR A 185 8.20 1.99 -13.14
N VAL A 186 8.02 3.14 -12.49
CA VAL A 186 8.83 3.55 -11.36
C VAL A 186 8.22 3.10 -10.03
N GLY A 187 6.90 3.10 -9.93
CA GLY A 187 6.25 2.69 -8.69
C GLY A 187 6.04 3.89 -7.80
N VAL A 188 5.63 4.98 -8.43
CA VAL A 188 5.48 6.25 -7.76
C VAL A 188 4.13 6.83 -8.20
N ASN A 189 3.50 7.62 -7.34
CA ASN A 189 2.19 8.14 -7.71
C ASN A 189 1.97 9.61 -7.39
N ASN A 190 2.72 10.47 -8.06
CA ASN A 190 2.53 11.90 -7.90
C ASN A 190 1.80 12.56 -9.07
N GLY A 191 1.05 11.75 -9.81
CA GLY A 191 0.13 12.26 -10.84
C GLY A 191 0.80 13.02 -11.98
N GLY A 192 2.11 12.83 -12.17
CA GLY A 192 2.81 13.49 -13.25
C GLY A 192 3.47 14.79 -12.81
N MET A 193 3.33 15.13 -11.53
CA MET A 193 3.89 16.38 -11.04
C MET A 193 5.42 16.42 -11.16
N ASP A 194 6.09 15.29 -10.90
CA ASP A 194 7.55 15.24 -11.01
C ASP A 194 8.03 15.53 -12.42
N GLN A 195 7.43 14.87 -13.41
CA GLN A 195 7.83 15.06 -14.81
C GLN A 195 7.51 16.47 -15.29
N ALA A 196 6.34 16.97 -14.93
CA ALA A 196 5.92 18.32 -15.34
C ALA A 196 6.85 19.38 -14.77
N THR A 197 7.35 19.16 -13.56
CA THR A 197 8.27 20.13 -12.96
C THR A 197 9.64 20.11 -13.65
N SER A 198 10.19 18.91 -13.86
CA SER A 198 11.48 18.76 -14.55
C SER A 198 11.44 19.35 -15.97
N VAL A 199 10.30 19.21 -16.64
CA VAL A 199 10.17 19.73 -18.01
C VAL A 199 9.92 21.24 -18.03
N TYR A 200 9.01 21.73 -17.19
CA TYR A 200 8.58 23.13 -17.26
C TYR A 200 9.37 24.13 -16.41
N GLY A 201 10.33 23.68 -15.60
CA GLY A 201 11.09 24.58 -14.74
C GLY A 201 11.67 25.79 -15.46
N GLU A 202 11.68 26.93 -14.80
N GLU A 202 11.70 26.93 -14.78
CA GLU A 202 12.38 28.12 -15.32
CA GLU A 202 12.37 28.11 -15.29
C GLU A 202 13.14 28.77 -14.18
C GLU A 202 13.15 28.75 -14.16
N GLU A 203 14.26 29.40 -14.51
CA GLU A 203 15.04 30.12 -13.54
C GLU A 203 14.18 31.22 -12.95
N ASP A 204 14.32 31.44 -11.66
CA ASP A 204 13.53 32.45 -10.93
C ASP A 204 12.04 32.17 -10.85
N HIS A 205 11.59 30.97 -11.24
CA HIS A 205 10.15 30.68 -11.21
C HIS A 205 9.84 29.43 -10.41
N ALA A 206 8.71 29.45 -9.71
CA ALA A 206 8.09 28.21 -9.25
C ALA A 206 7.01 27.84 -10.27
N LEU A 207 6.46 26.64 -10.14
CA LEU A 207 5.40 26.20 -11.04
C LEU A 207 4.07 25.98 -10.30
N TYR A 208 3.00 26.48 -10.88
CA TYR A 208 1.66 26.18 -10.42
C TYR A 208 1.28 24.93 -11.19
N VAL A 209 1.28 23.78 -10.51
CA VAL A 209 0.99 22.53 -11.19
C VAL A 209 -0.42 22.07 -10.86
N GLU A 210 -1.24 21.94 -11.90
CA GLU A 210 -2.64 21.60 -11.74
C GLU A 210 -2.90 20.23 -12.32
N PHE A 211 -4.02 19.64 -11.92
CA PHE A 211 -4.39 18.29 -12.38
C PHE A 211 -5.77 18.24 -13.05
N ARG A 212 -6.57 19.30 -12.89
CA ARG A 212 -7.93 19.35 -13.46
C ARG A 212 -8.13 20.54 -14.39
N PRO A 213 -8.64 20.30 -15.61
CA PRO A 213 -9.06 19.02 -16.17
C PRO A 213 -7.89 18.21 -16.66
N LYS A 214 -6.68 18.77 -16.64
CA LYS A 214 -5.50 18.08 -17.17
C LYS A 214 -4.26 18.42 -16.34
N LEU A 215 -3.30 17.50 -16.31
CA LEU A 215 -1.98 17.78 -15.77
C LEU A 215 -1.43 18.99 -16.54
N LYS A 216 -1.04 20.04 -15.83
CA LYS A 216 -0.63 21.29 -16.48
C LYS A 216 0.30 22.06 -15.55
N ALA A 217 1.26 22.79 -16.12
CA ALA A 217 2.18 23.57 -15.32
C ALA A 217 2.25 25.01 -15.84
N THR A 218 2.27 25.96 -14.93
CA THR A 218 2.34 27.38 -15.28
C THR A 218 3.41 28.04 -14.42
N PRO A 219 4.45 28.61 -15.04
CA PRO A 219 5.50 29.26 -14.27
C PRO A 219 5.06 30.59 -13.67
N PHE A 220 5.46 30.83 -12.43
CA PHE A 220 5.18 32.07 -11.73
C PHE A 220 6.53 32.55 -11.22
N LYS A 221 6.86 33.82 -11.49
CA LYS A 221 8.17 34.37 -11.19
C LYS A 221 8.20 34.97 -9.80
N PHE A 222 9.26 34.69 -9.05
CA PHE A 222 9.43 35.30 -7.73
C PHE A 222 9.63 36.82 -7.87
N PRO A 223 9.24 37.60 -6.86
CA PRO A 223 9.43 39.05 -6.90
C PRO A 223 10.90 39.43 -7.06
N GLN A 224 11.14 40.60 -7.64
CA GLN A 224 12.48 41.14 -7.71
C GLN A 224 12.78 41.72 -6.35
N LEU A 225 13.91 41.36 -5.79
CA LEU A 225 14.28 41.89 -4.49
C LEU A 225 15.35 42.97 -4.66
N LYS A 226 15.34 43.97 -3.76
CA LYS A 226 16.29 45.07 -3.82
C LYS A 226 17.74 44.60 -3.71
N ASN A 227 18.08 43.90 -2.63
CA ASN A 227 19.44 43.40 -2.48
C ASN A 227 19.59 42.05 -1.79
N HIS A 228 18.61 41.16 -1.97
CA HIS A 228 18.78 39.77 -1.59
C HIS A 228 18.50 38.84 -2.77
N GLU A 229 18.92 37.58 -2.64
CA GLU A 229 18.53 36.54 -3.58
C GLU A 229 17.72 35.49 -2.84
N ILE A 230 16.75 34.92 -3.52
CA ILE A 230 15.92 33.86 -2.95
C ILE A 230 16.59 32.52 -3.19
N SER A 231 16.87 31.78 -2.12
CA SER A 231 17.35 30.42 -2.24
C SER A 231 16.61 29.53 -1.26
N PHE A 232 16.73 28.22 -1.46
CA PHE A 232 16.08 27.26 -0.59
C PHE A 232 17.09 26.26 -0.13
N VAL A 233 17.09 25.98 1.17
CA VAL A 233 17.92 24.90 1.66
C VAL A 233 17.04 23.67 1.77
N ILE A 234 17.54 22.56 1.24
CA ILE A 234 16.81 21.30 1.24
C ILE A 234 17.62 20.31 2.08
N ALA A 235 17.04 19.88 3.20
CA ALA A 235 17.74 19.03 4.16
C ALA A 235 16.96 17.75 4.38
N ASN A 236 17.62 16.62 4.16
CA ASN A 236 16.97 15.34 4.33
C ASN A 236 16.96 14.88 5.80
N THR A 237 15.83 14.37 6.29
CA THR A 237 15.79 13.80 7.64
C THR A 237 16.63 12.54 7.74
N LEU A 238 16.86 11.91 6.59
CA LEU A 238 17.50 10.60 6.47
C LEU A 238 16.64 9.50 7.07
N VAL A 239 15.38 9.82 7.35
CA VAL A 239 14.33 8.82 7.58
C VAL A 239 13.70 8.50 6.21
N LYS A 240 13.78 7.23 5.82
CA LYS A 240 13.27 6.84 4.50
C LYS A 240 11.74 6.92 4.46
N SER A 241 11.22 7.88 3.72
CA SER A 241 9.78 8.11 3.61
C SER A 241 9.08 6.89 3.04
N ASN A 242 9.70 6.29 2.02
CA ASN A 242 9.16 5.15 1.30
C ASN A 242 8.72 4.00 2.22
N LYS A 243 9.41 3.85 3.34
CA LYS A 243 9.07 2.87 4.35
C LYS A 243 7.66 3.11 4.91
N ALA A 247 2.73 2.27 5.66
CA ALA A 247 2.15 1.78 6.90
C ALA A 247 0.62 1.94 6.88
N PRO A 248 -0.06 1.04 7.60
CA PRO A 248 -1.53 1.04 7.67
C PRO A 248 -2.06 2.21 8.48
N THR A 249 -1.19 2.90 9.22
CA THR A 249 -1.63 4.06 9.98
C THR A 249 -1.34 5.35 9.22
N ASN A 250 -0.62 5.23 8.11
CA ASN A 250 -0.17 6.44 7.42
C ASN A 250 -0.90 6.72 6.11
N TYR A 251 -0.25 6.52 4.97
CA TYR A 251 -0.84 6.92 3.68
C TYR A 251 -2.20 6.29 3.38
N ASN A 252 -2.32 4.97 3.53
CA ASN A 252 -3.59 4.28 3.33
C ASN A 252 -4.67 4.87 4.20
N LEU A 253 -4.34 5.15 5.45
CA LEU A 253 -5.32 5.75 6.36
C LEU A 253 -5.74 7.15 5.89
N ARG A 254 -4.79 7.96 5.43
CA ARG A 254 -5.13 9.30 4.94
C ARG A 254 -6.07 9.25 3.72
N VAL A 255 -5.80 8.35 2.79
CA VAL A 255 -6.63 8.20 1.60
CA VAL A 255 -6.65 8.29 1.60
C VAL A 255 -8.07 7.87 1.96
N ILE A 256 -8.23 7.03 2.98
CA ILE A 256 -9.57 6.67 3.43
C ILE A 256 -10.22 7.88 4.07
N GLU A 257 -9.49 8.53 4.96
CA GLU A 257 -10.05 9.66 5.69
C GLU A 257 -10.51 10.81 4.79
N VAL A 258 -9.73 11.18 3.78
CA VAL A 258 -10.16 12.30 2.94
C VAL A 258 -11.32 11.91 2.03
N THR A 259 -11.40 10.64 1.66
CA THR A 259 -12.50 10.19 0.81
C THR A 259 -13.80 10.12 1.64
N VAL A 260 -13.70 9.59 2.87
CA VAL A 260 -14.83 9.59 3.79
C VAL A 260 -15.30 11.02 4.10
N ALA A 261 -14.34 11.92 4.33
CA ALA A 261 -14.65 13.33 4.57
C ALA A 261 -15.42 13.97 3.41
N ALA A 262 -14.98 13.71 2.18
CA ALA A 262 -15.67 14.26 1.00
C ALA A 262 -17.12 13.78 0.94
N ASN A 263 -17.30 12.51 1.27
CA ASN A 263 -18.64 11.91 1.26
C ASN A 263 -19.52 12.30 2.43
N ALA A 264 -18.93 12.47 3.62
CA ALA A 264 -19.64 13.07 4.75
C ALA A 264 -20.12 14.49 4.41
N LEU A 265 -19.27 15.29 3.77
CA LEU A 265 -19.70 16.63 3.37
C LEU A 265 -20.82 16.57 2.32
N ALA A 266 -20.64 15.72 1.33
CA ALA A 266 -21.62 15.55 0.29
C ALA A 266 -22.97 15.14 0.90
N THR A 267 -22.93 14.24 1.88
CA THR A 267 -24.16 13.80 2.52
C THR A 267 -24.78 14.93 3.33
N ARG A 268 -23.97 15.61 4.11
CA ARG A 268 -24.50 16.69 4.95
C ARG A 268 -25.17 17.80 4.14
N TYR A 269 -24.61 18.12 2.98
CA TYR A 269 -25.15 19.22 2.18
C TYR A 269 -26.03 18.75 1.03
N SER A 270 -26.32 17.45 1.02
CA SER A 270 -27.17 16.85 0.01
C SER A 270 -26.76 17.17 -1.43
N VAL A 271 -25.50 16.94 -1.77
CA VAL A 271 -25.08 17.05 -3.17
C VAL A 271 -24.42 15.74 -3.58
N ALA A 272 -24.44 15.46 -4.88
CA ALA A 272 -23.79 14.25 -5.38
C ALA A 272 -22.42 14.63 -5.91
N LEU A 273 -21.47 13.73 -5.76
CA LEU A 273 -20.15 13.95 -6.35
C LEU A 273 -20.14 13.41 -7.78
N PRO A 274 -20.11 14.31 -8.77
CA PRO A 274 -20.17 13.96 -10.20
C PRO A 274 -18.99 13.08 -10.56
N SER A 275 -19.20 12.13 -11.48
CA SER A 275 -18.11 11.30 -11.95
C SER A 275 -17.07 12.18 -12.64
N HIS A 276 -15.83 11.71 -12.66
CA HIS A 276 -14.76 12.41 -13.35
C HIS A 276 -14.94 12.24 -14.86
N LYS A 277 -14.92 13.36 -15.58
CA LYS A 277 -15.04 13.35 -17.05
C LYS A 277 -13.68 13.60 -17.69
N ASP A 278 -12.74 14.08 -16.88
CA ASP A 278 -11.41 14.49 -17.36
C ASP A 278 -10.34 13.73 -16.57
N ASN A 279 -9.16 14.33 -16.41
CA ASN A 279 -8.11 13.77 -15.56
C ASN A 279 -8.51 13.85 -14.07
N SER A 280 -7.94 12.95 -13.26
CA SER A 280 -8.09 13.02 -11.79
C SER A 280 -6.97 12.22 -11.15
N ASN A 281 -6.57 12.62 -9.94
CA ASN A 281 -5.65 11.80 -9.16
C ASN A 281 -6.38 10.87 -8.18
N SER A 282 -7.70 10.76 -8.32
CA SER A 282 -8.42 9.77 -7.54
C SER A 282 -9.49 9.06 -8.37
N GLU A 283 -9.76 7.81 -8.04
CA GLU A 283 -10.76 7.04 -8.77
C GLU A 283 -12.17 7.52 -8.43
N ARG A 284 -12.38 7.90 -7.18
CA ARG A 284 -13.70 8.33 -6.75
C ARG A 284 -13.76 9.80 -6.40
N GLY A 285 -14.98 10.29 -6.10
CA GLY A 285 -15.21 11.66 -5.69
C GLY A 285 -14.32 12.07 -4.53
N ASN A 286 -13.77 13.28 -4.60
CA ASN A 286 -12.82 13.72 -3.60
C ASN A 286 -13.22 15.11 -3.10
N LEU A 287 -12.38 15.72 -2.26
CA LEU A 287 -12.71 17.00 -1.65
C LEU A 287 -12.84 18.18 -2.64
N ARG A 288 -12.15 18.12 -3.77
CA ARG A 288 -12.32 19.14 -4.81
C ARG A 288 -13.67 18.98 -5.50
N ASP A 289 -14.04 17.74 -5.79
CA ASP A 289 -15.35 17.43 -6.33
C ASP A 289 -16.45 17.94 -5.40
N PHE A 290 -16.26 17.78 -4.10
CA PHE A 290 -17.28 18.30 -3.19
C PHE A 290 -17.38 19.82 -3.30
N MET A 291 -16.22 20.49 -3.35
CA MET A 291 -16.20 21.94 -3.49
C MET A 291 -17.00 22.39 -4.73
N ASP A 292 -16.81 21.67 -5.83
CA ASP A 292 -17.51 22.01 -7.07
C ASP A 292 -19.00 21.71 -6.97
N ALA A 293 -19.34 20.54 -6.43
CA ALA A 293 -20.74 20.13 -6.30
C ALA A 293 -21.50 21.09 -5.37
N TYR A 294 -20.85 21.53 -4.32
CA TYR A 294 -21.45 22.48 -3.39
C TYR A 294 -21.76 23.80 -4.11
N TYR A 295 -20.76 24.34 -4.79
CA TYR A 295 -20.94 25.60 -5.50
C TYR A 295 -22.00 25.50 -6.59
N ALA A 296 -22.05 24.38 -7.27
CA ALA A 296 -23.01 24.21 -8.37
C ALA A 296 -24.42 24.29 -7.81
N ARG A 297 -24.63 23.71 -6.64
CA ARG A 297 -25.99 23.70 -6.12
C ARG A 297 -26.35 24.95 -5.32
N TYR A 298 -25.46 25.39 -4.44
CA TYR A 298 -25.79 26.49 -3.53
C TYR A 298 -25.39 27.88 -4.02
N GLU A 299 -24.53 27.98 -5.03
CA GLU A 299 -24.14 29.29 -5.54
C GLU A 299 -24.53 29.52 -7.01
N ASN A 300 -25.79 29.28 -7.31
CA ASN A 300 -26.37 29.64 -8.60
C ASN A 300 -25.62 29.12 -9.83
N GLN A 301 -25.49 27.80 -9.91
CA GLN A 301 -24.93 27.14 -11.07
C GLN A 301 -23.48 27.56 -11.30
N ALA A 302 -22.78 27.86 -10.22
CA ALA A 302 -21.37 28.22 -10.34
C ALA A 302 -20.63 27.14 -11.12
N GLN A 303 -19.78 27.56 -12.05
CA GLN A 303 -18.95 26.66 -12.82
C GLN A 303 -17.87 26.07 -11.89
N PRO A 304 -17.38 24.87 -12.21
CA PRO A 304 -16.34 24.24 -11.39
C PRO A 304 -15.09 25.14 -11.38
N TRP A 305 -14.34 25.13 -10.29
CA TRP A 305 -13.18 25.99 -10.15
C TRP A 305 -12.13 25.60 -11.18
N ASN A 306 -11.66 26.58 -11.96
N ASN A 306 -11.67 26.54 -11.99
CA ASN A 306 -10.74 26.35 -13.07
CA ASN A 306 -10.70 26.15 -13.00
C ASN A 306 -9.26 26.61 -12.74
C ASN A 306 -9.33 26.80 -12.78
N GLY A 307 -9.02 27.05 -11.51
CA GLY A 307 -7.66 27.35 -11.08
C GLY A 307 -7.27 28.81 -10.88
N ASP A 308 -8.16 29.76 -11.21
CA ASP A 308 -7.81 31.16 -11.01
C ASP A 308 -7.74 31.44 -9.52
N ILE A 309 -6.84 32.33 -9.16
CA ILE A 309 -6.46 32.54 -7.76
C ILE A 309 -7.60 33.09 -6.93
N GLY A 310 -8.26 34.13 -7.43
CA GLY A 310 -9.33 34.76 -6.68
C GLY A 310 -10.50 33.86 -6.36
N THR A 311 -11.00 33.15 -7.36
CA THR A 311 -12.10 32.22 -7.14
C THR A 311 -11.67 31.12 -6.19
N GLY A 312 -10.43 30.64 -6.33
CA GLY A 312 -9.97 29.57 -5.47
C GLY A 312 -9.96 29.96 -4.01
N ILE A 313 -9.48 31.16 -3.74
CA ILE A 313 -9.36 31.65 -2.38
C ILE A 313 -10.74 31.75 -1.74
N GLU A 314 -11.68 32.35 -2.49
CA GLU A 314 -13.04 32.51 -2.00
C GLU A 314 -13.69 31.16 -1.69
N ARG A 315 -13.57 30.21 -2.61
CA ARG A 315 -14.25 28.93 -2.41
C ARG A 315 -13.59 28.05 -1.36
N LEU A 316 -12.26 28.13 -1.24
CA LEU A 316 -11.55 27.38 -0.19
C LEU A 316 -11.83 27.92 1.19
N LEU A 317 -11.94 29.24 1.31
CA LEU A 317 -12.37 29.83 2.57
C LEU A 317 -13.78 29.35 2.93
N LYS A 318 -14.66 29.27 1.93
CA LYS A 318 -16.00 28.74 2.16
C LYS A 318 -15.93 27.29 2.63
N MET A 319 -15.10 26.49 1.96
CA MET A 319 -14.91 25.09 2.35
C MET A 319 -14.47 24.96 3.82
N LEU A 320 -13.54 25.79 4.26
CA LEU A 320 -13.09 25.72 5.66
C LEU A 320 -14.22 26.05 6.63
N GLN A 321 -15.13 26.92 6.20
CA GLN A 321 -16.32 27.23 6.98
C GLN A 321 -17.21 26.01 7.08
N LEU A 322 -17.45 25.35 5.94
CA LEU A 322 -18.28 24.15 5.96
C LEU A 322 -17.64 23.09 6.83
N VAL A 323 -16.32 22.99 6.81
CA VAL A 323 -15.61 22.04 7.68
C VAL A 323 -15.83 22.36 9.17
N GLU A 324 -15.74 23.63 9.57
CA GLU A 324 -16.06 24.01 10.94
C GLU A 324 -17.52 23.65 11.25
N GLU A 325 -18.43 23.98 10.36
CA GLU A 325 -19.86 23.69 10.58
C GLU A 325 -20.16 22.21 10.66
N SER A 326 -19.45 21.41 9.88
CA SER A 326 -19.80 20.00 9.77
C SER A 326 -19.12 19.11 10.80
N PHE A 327 -17.89 19.45 11.15
CA PHE A 327 -17.02 18.49 11.81
C PHE A 327 -16.41 18.99 13.12
N SER A 328 -16.48 20.29 13.40
CA SER A 328 -15.72 20.84 14.54
C SER A 328 -16.18 20.32 15.91
N ARG A 329 -17.40 19.79 15.97
CA ARG A 329 -17.88 19.18 17.20
C ARG A 329 -17.44 17.72 17.31
N LYS A 330 -16.65 17.24 16.35
CA LYS A 330 -16.17 15.86 16.38
C LYS A 330 -14.68 15.75 16.13
N LYS A 331 -13.91 16.62 16.78
CA LYS A 331 -12.46 16.65 16.60
C LYS A 331 -11.76 15.42 17.19
N SER A 332 -12.45 14.71 18.08
CA SER A 332 -11.90 13.46 18.58
C SER A 332 -12.01 12.34 17.54
N GLY A 333 -12.57 12.66 16.37
CA GLY A 333 -12.62 11.70 15.28
C GLY A 333 -13.90 10.89 15.24
N PHE A 334 -14.09 10.15 14.16
CA PHE A 334 -15.28 9.34 13.93
C PHE A 334 -14.92 7.88 14.04
N THR A 335 -15.65 7.12 14.87
CA THR A 335 -15.56 5.66 14.84
C THR A 335 -16.21 5.19 13.55
N VAL A 336 -16.05 3.92 13.22
CA VAL A 336 -16.67 3.36 12.01
C VAL A 336 -18.19 3.55 12.07
N HIS A 337 -18.74 3.38 13.26
CA HIS A 337 -20.17 3.56 13.43
C HIS A 337 -20.61 5.00 13.13
N GLU A 338 -19.95 5.96 13.76
CA GLU A 338 -20.25 7.38 13.55
C GLU A 338 -20.01 7.81 12.10
N ALA A 339 -19.04 7.19 11.45
CA ALA A 339 -18.74 7.55 10.07
C ALA A 339 -19.84 7.04 9.14
N SER A 340 -20.30 5.82 9.39
CA SER A 340 -21.44 5.25 8.68
C SER A 340 -22.67 6.15 8.80
N THR A 341 -22.92 6.63 10.00
CA THR A 341 -24.05 7.53 10.23
C THR A 341 -23.87 8.83 9.44
N ALA A 342 -22.64 9.34 9.41
CA ALA A 342 -22.32 10.56 8.67
C ALA A 342 -22.51 10.37 7.17
N LEU A 343 -22.36 9.14 6.71
CA LEU A 343 -22.50 8.81 5.29
C LEU A 343 -23.88 8.25 4.96
N ASN A 344 -24.74 8.14 5.97
CA ASN A 344 -26.09 7.61 5.78
C ASN A 344 -26.05 6.22 5.13
N CYS A 345 -25.20 5.36 5.68
CA CYS A 345 -25.09 4.00 5.20
C CYS A 345 -24.88 3.07 6.40
N SER A 346 -24.94 1.77 6.17
CA SER A 346 -24.73 0.79 7.24
C SER A 346 -23.25 0.57 7.44
N ARG A 347 -22.90 -0.14 8.52
CA ARG A 347 -21.52 -0.49 8.79
C ARG A 347 -21.00 -1.42 7.71
N GLU A 348 -21.87 -2.31 7.25
CA GLU A 348 -21.53 -3.23 6.18
C GLU A 348 -21.23 -2.49 4.89
N GLU A 349 -22.03 -1.48 4.57
CA GLU A 349 -21.80 -0.65 3.40
C GLU A 349 -20.47 0.11 3.52
N PHE A 350 -20.22 0.67 4.71
CA PHE A 350 -19.01 1.42 4.95
C PHE A 350 -17.76 0.54 4.85
N THR A 351 -17.79 -0.58 5.56
CA THR A 351 -16.67 -1.51 5.58
C THR A 351 -16.34 -1.99 4.16
N ARG A 352 -17.39 -2.30 3.41
CA ARG A 352 -17.29 -2.73 2.02
C ARG A 352 -16.61 -1.67 1.15
N ASP A 353 -17.05 -0.44 1.31
CA ASP A 353 -16.56 0.66 0.47
C ASP A 353 -15.19 1.20 0.86
N TYR A 354 -14.81 1.09 2.14
CA TYR A 354 -13.59 1.79 2.59
C TYR A 354 -12.56 0.94 3.29
N LEU A 355 -12.94 -0.23 3.77
CA LEU A 355 -12.02 -0.99 4.59
C LEU A 355 -11.63 -2.31 3.96
N THR A 356 -11.84 -2.44 2.65
CA THR A 356 -11.72 -3.74 2.02
C THR A 356 -10.36 -4.05 1.41
N THR A 357 -9.89 -3.17 0.53
CA THR A 357 -8.75 -3.52 -0.27
C THR A 357 -7.42 -3.42 0.48
N PHE A 358 -7.13 -2.25 1.03
CA PHE A 358 -5.83 -2.00 1.63
C PHE A 358 -5.86 -1.98 3.17
N PRO A 359 -4.79 -2.48 3.81
CA PRO A 359 -4.72 -2.58 5.27
C PRO A 359 -4.72 -1.21 5.91
N VAL A 360 -5.49 -1.03 6.97
N VAL A 360 -5.50 -1.02 6.97
CA VAL A 360 -5.50 0.24 7.70
CA VAL A 360 -5.56 0.26 7.67
C VAL A 360 -5.62 0.00 9.19
C VAL A 360 -5.67 0.02 9.18
N ARG A 361 -5.09 0.92 9.98
CA ARG A 361 -5.12 0.78 11.42
C ARG A 361 -5.49 2.08 12.07
N PHE A 362 -6.62 2.07 12.79
CA PHE A 362 -7.12 3.28 13.41
C PHE A 362 -8.19 2.93 14.43
N GLN A 363 -8.37 3.82 15.41
CA GLN A 363 -9.55 3.74 16.28
C GLN A 363 -10.61 4.70 15.77
N VAL A 364 -10.17 5.87 15.31
CA VAL A 364 -11.08 6.85 14.76
C VAL A 364 -10.52 7.40 13.45
N LEU A 365 -11.43 7.89 12.60
CA LEU A 365 -11.09 8.59 11.38
C LEU A 365 -11.19 10.09 11.65
N LYS A 366 -10.10 10.82 11.44
CA LYS A 366 -10.09 12.23 11.82
C LYS A 366 -10.52 13.12 10.66
N LEU A 367 -11.82 13.12 10.40
CA LEU A 367 -12.38 13.86 9.28
C LEU A 367 -12.18 15.37 9.40
N TYR A 368 -12.35 15.91 10.60
CA TYR A 368 -12.17 17.34 10.81
C TYR A 368 -10.76 17.76 10.38
N GLN A 369 -9.76 17.13 10.98
CA GLN A 369 -8.35 17.46 10.77
C GLN A 369 -7.87 17.27 9.34
N ARG A 370 -8.25 16.15 8.73
CA ARG A 370 -7.75 15.82 7.41
C ARG A 370 -8.42 16.75 6.39
N ALA A 371 -9.72 16.97 6.50
CA ALA A 371 -10.38 17.91 5.57
C ALA A 371 -9.84 19.32 5.75
N LYS A 372 -9.64 19.72 6.99
CA LYS A 372 -9.13 21.06 7.27
C LYS A 372 -7.74 21.24 6.71
N HIS A 373 -6.90 20.22 6.86
CA HIS A 373 -5.59 20.27 6.24
C HIS A 373 -5.67 20.47 4.72
N VAL A 374 -6.41 19.59 4.03
CA VAL A 374 -6.41 19.63 2.56
C VAL A 374 -6.88 20.98 2.05
N TYR A 375 -7.99 21.49 2.58
CA TYR A 375 -8.49 22.78 2.10
C TYR A 375 -7.58 23.95 2.47
N SER A 376 -7.03 23.94 3.69
CA SER A 376 -6.15 25.04 4.11
C SER A 376 -4.81 25.00 3.39
N GLU A 377 -4.31 23.80 3.12
CA GLU A 377 -3.03 23.67 2.42
C GLU A 377 -3.20 24.08 0.94
N SER A 378 -4.31 23.68 0.33
CA SER A 378 -4.63 24.12 -1.02
C SER A 378 -4.73 25.63 -1.08
N LEU A 379 -5.30 26.22 -0.04
CA LEU A 379 -5.42 27.67 0.06
C LEU A 379 -4.06 28.36 0.15
N ARG A 380 -3.13 27.78 0.90
CA ARG A 380 -1.79 28.34 1.02
C ARG A 380 -1.03 28.38 -0.32
N VAL A 381 -1.27 27.39 -1.17
CA VAL A 381 -0.69 27.42 -2.53
C VAL A 381 -1.12 28.72 -3.24
N LEU A 382 -2.42 29.02 -3.21
CA LEU A 382 -2.94 30.24 -3.85
C LEU A 382 -2.45 31.52 -3.17
N LYS A 383 -2.40 31.53 -1.85
CA LYS A 383 -1.83 32.67 -1.14
C LYS A 383 -0.34 32.88 -1.49
N ALA A 384 0.39 31.79 -1.70
CA ALA A 384 1.77 31.89 -2.14
C ALA A 384 1.89 32.57 -3.52
N LEU A 385 1.05 32.14 -4.45
CA LEU A 385 1.00 32.72 -5.77
C LEU A 385 0.68 34.21 -5.70
N LYS A 386 -0.32 34.55 -4.89
CA LYS A 386 -0.74 35.94 -4.71
C LYS A 386 0.41 36.78 -4.17
N MET A 387 1.14 36.25 -3.21
N MET A 387 1.15 36.27 -3.19
CA MET A 387 2.32 36.90 -2.64
CA MET A 387 2.33 36.96 -2.66
C MET A 387 3.41 37.13 -3.69
C MET A 387 3.41 37.16 -3.73
N MET A 388 3.62 36.14 -4.54
CA MET A 388 4.66 36.22 -5.55
C MET A 388 4.37 37.28 -6.60
N THR A 389 3.09 37.52 -6.87
CA THR A 389 2.68 38.29 -8.04
C THR A 389 2.20 39.70 -7.73
N SER A 390 1.21 39.80 -6.85
CA SER A 390 0.48 41.05 -6.72
C SER A 390 0.73 41.78 -5.40
N ALA A 391 1.36 41.10 -4.44
CA ALA A 391 1.61 41.69 -3.14
C ALA A 391 2.75 42.72 -3.24
N THR A 392 2.71 43.72 -2.36
CA THR A 392 3.80 44.68 -2.26
C THR A 392 4.57 44.51 -0.96
N PHE A 393 5.89 44.64 -1.05
CA PHE A 393 6.75 44.45 0.11
C PHE A 393 7.70 45.63 0.17
N HIS A 394 7.70 46.33 1.29
CA HIS A 394 8.47 47.56 1.34
C HIS A 394 9.92 47.30 1.67
N THR A 395 10.20 46.09 2.14
CA THR A 395 11.57 45.61 2.29
C THR A 395 11.65 44.18 1.81
N ASP A 396 12.85 43.75 1.42
CA ASP A 396 13.10 42.37 1.09
C ASP A 396 12.68 41.49 2.27
N GLU A 397 13.02 41.93 3.48
CA GLU A 397 12.70 41.19 4.68
C GLU A 397 11.21 40.85 4.78
N ASP A 398 10.35 41.80 4.38
CA ASP A 398 8.92 41.56 4.42
C ASP A 398 8.52 40.42 3.50
N PHE A 399 9.20 40.30 2.35
CA PHE A 399 8.90 39.17 1.49
C PHE A 399 9.27 37.85 2.17
N PHE A 400 10.50 37.74 2.67
CA PHE A 400 10.94 36.51 3.33
C PHE A 400 10.04 36.16 4.53
N THR A 401 9.62 37.17 5.28
CA THR A 401 8.83 36.94 6.48
C THR A 401 7.42 36.44 6.14
N ASP A 402 6.78 37.09 5.17
CA ASP A 402 5.42 36.70 4.78
C ASP A 402 5.39 35.37 4.02
N PHE A 403 6.32 35.16 3.10
CA PHE A 403 6.32 33.89 2.38
C PHE A 403 6.72 32.77 3.34
N GLY A 404 7.71 33.04 4.18
CA GLY A 404 8.17 32.06 5.14
C GLY A 404 7.06 31.66 6.10
N ARG A 405 6.22 32.63 6.46
N ARG A 405 6.23 32.62 6.49
CA ARG A 405 5.10 32.36 7.36
CA ARG A 405 5.10 32.32 7.37
C ARG A 405 4.10 31.38 6.77
C ARG A 405 4.17 31.29 6.75
N LEU A 406 3.91 31.42 5.44
CA LEU A 406 3.05 30.44 4.76
C LEU A 406 3.66 29.05 4.84
N MET A 407 4.98 28.96 4.68
CA MET A 407 5.65 27.67 4.79
C MET A 407 5.50 27.13 6.21
N ASN A 408 5.66 27.99 7.21
CA ASN A 408 5.50 27.55 8.60
C ASN A 408 4.08 27.10 8.90
N GLU A 409 3.11 27.82 8.36
CA GLU A 409 1.72 27.47 8.57
C GLU A 409 1.42 26.14 7.89
N SER A 410 2.07 25.89 6.76
CA SER A 410 1.94 24.61 6.07
C SER A 410 2.50 23.44 6.91
N GLN A 411 3.73 23.61 7.41
CA GLN A 411 4.34 22.64 8.33
C GLN A 411 3.45 22.34 9.53
N ALA A 412 2.91 23.39 10.16
CA ALA A 412 2.06 23.21 11.34
C ALA A 412 0.82 22.40 11.00
N SER A 413 0.30 22.61 9.80
CA SER A 413 -0.88 21.86 9.35
C SER A 413 -0.55 20.39 9.03
N CYS A 414 0.54 20.18 8.31
CA CYS A 414 0.98 18.83 7.96
C CYS A 414 1.21 18.02 9.22
N ASP A 415 1.79 18.65 10.23
CA ASP A 415 2.12 18.00 11.49
C ASP A 415 0.88 17.83 12.38
N LYS A 416 0.29 18.94 12.85
CA LYS A 416 -0.79 18.85 13.82
C LYS A 416 -2.11 18.35 13.23
N LEU A 417 -2.40 18.68 11.98
CA LEU A 417 -3.68 18.25 11.38
C LEU A 417 -3.57 16.97 10.57
N TYR A 418 -2.56 16.85 9.72
CA TYR A 418 -2.42 15.64 8.91
C TYR A 418 -1.57 14.55 9.57
N GLU A 419 -0.89 14.90 10.66
CA GLU A 419 0.03 13.98 11.34
C GLU A 419 0.93 13.24 10.39
N CYS A 420 1.60 13.96 9.49
CA CYS A 420 2.51 13.31 8.57
C CYS A 420 3.92 13.85 8.75
N SER A 421 4.20 14.47 9.89
CA SER A 421 5.57 14.88 10.22
C SER A 421 6.30 13.76 10.99
N CYS A 422 7.45 14.07 11.60
CA CYS A 422 8.15 13.10 12.47
C CYS A 422 9.12 13.90 13.30
N ILE A 423 9.75 13.28 14.30
CA ILE A 423 10.61 14.05 15.20
C ILE A 423 11.76 14.69 14.44
N GLU A 424 12.37 13.95 13.52
CA GLU A 424 13.48 14.50 12.74
C GLU A 424 13.08 15.73 11.93
N THR A 425 11.88 15.71 11.35
CA THR A 425 11.41 16.86 10.59
C THR A 425 11.29 18.08 11.48
N ASN A 426 10.66 17.88 12.63
CA ASN A 426 10.45 18.99 13.55
C ASN A 426 11.75 19.54 14.10
N GLN A 427 12.70 18.66 14.38
CA GLN A 427 14.02 19.09 14.83
C GLN A 427 14.72 19.96 13.79
N ILE A 428 14.73 19.49 12.55
CA ILE A 428 15.39 20.23 11.47
C ILE A 428 14.74 21.59 11.28
N CYS A 429 13.41 21.62 11.25
CA CYS A 429 12.69 22.87 11.03
C CYS A 429 12.99 23.86 12.15
N SER A 430 12.99 23.38 13.39
CA SER A 430 13.19 24.25 14.53
C SER A 430 14.61 24.82 14.53
N ILE A 431 15.58 23.97 14.26
CA ILE A 431 16.96 24.40 14.14
C ILE A 431 17.13 25.41 13.01
N ALA A 432 16.55 25.13 11.85
CA ALA A 432 16.71 26.04 10.72
C ALA A 432 16.13 27.41 11.05
N LEU A 433 14.93 27.44 11.61
CA LEU A 433 14.25 28.68 11.94
C LEU A 433 14.97 29.52 13.00
N ALA A 434 15.69 28.86 13.90
CA ALA A 434 16.47 29.56 14.93
C ALA A 434 17.79 30.04 14.36
N ASN A 435 18.11 29.63 13.14
CA ASN A 435 19.44 29.91 12.61
C ASN A 435 19.50 30.43 11.17
N GLY A 436 18.50 31.21 10.76
CA GLY A 436 18.59 31.92 9.50
C GLY A 436 17.45 31.65 8.53
N SER A 437 16.63 30.62 8.79
CA SER A 437 15.53 30.33 7.90
C SER A 437 14.32 31.22 8.25
N PHE A 438 13.58 31.65 7.22
CA PHE A 438 12.32 32.37 7.41
C PHE A 438 11.10 31.46 7.36
N GLY A 439 11.30 30.24 6.89
CA GLY A 439 10.17 29.35 6.69
C GLY A 439 10.67 27.95 6.41
N SER A 440 10.09 26.97 7.11
CA SER A 440 10.64 25.63 7.15
C SER A 440 9.50 24.62 7.20
N ARG A 441 9.58 23.59 6.35
CA ARG A 441 8.49 22.61 6.29
C ARG A 441 8.98 21.31 5.68
N LEU A 442 8.30 20.21 5.99
CA LEU A 442 8.58 18.96 5.31
C LEU A 442 8.16 19.14 3.85
N THR A 443 8.70 18.31 2.98
CA THR A 443 8.24 18.24 1.61
C THR A 443 8.39 16.82 1.09
N GLY A 444 7.49 16.41 0.21
CA GLY A 444 7.51 15.05 -0.31
C GLY A 444 6.44 14.17 0.30
N ALA A 445 6.77 12.90 0.52
CA ALA A 445 5.78 11.91 0.94
C ALA A 445 5.36 12.01 2.42
N GLY A 446 6.16 12.68 3.24
CA GLY A 446 5.86 12.79 4.66
C GLY A 446 6.41 11.62 5.47
N TRP A 447 6.19 11.65 6.80
CA TRP A 447 6.75 10.63 7.70
C TRP A 447 8.26 10.39 7.45
N GLY A 448 9.02 11.47 7.30
CA GLY A 448 10.43 11.36 6.97
C GLY A 448 10.74 12.16 5.70
N GLY A 449 11.78 11.77 4.99
CA GLY A 449 12.10 12.40 3.70
C GLY A 449 12.73 13.76 3.91
N CYS A 450 12.47 14.67 2.96
N CYS A 450 12.60 14.67 2.95
CA CYS A 450 13.11 15.98 2.92
CA CYS A 450 13.31 15.93 3.16
C CYS A 450 12.37 17.11 3.63
C CYS A 450 12.44 17.08 3.65
N THR A 451 13.08 18.23 3.82
CA THR A 451 12.46 19.43 4.35
C THR A 451 12.98 20.55 3.47
N ILE A 452 12.27 21.67 3.44
CA ILE A 452 12.74 22.80 2.61
C ILE A 452 12.67 24.08 3.41
N HIS A 453 13.64 24.98 3.19
CA HIS A 453 13.81 26.18 4.02
C HIS A 453 14.04 27.41 3.16
N LEU A 454 13.23 28.45 3.38
CA LEU A 454 13.40 29.71 2.66
C LEU A 454 14.54 30.48 3.31
N VAL A 455 15.66 30.63 2.59
CA VAL A 455 16.87 31.25 3.14
CA VAL A 455 16.85 31.28 3.13
C VAL A 455 17.46 32.27 2.13
N PRO A 456 17.60 33.53 2.55
CA PRO A 456 18.23 34.52 1.65
C PRO A 456 19.63 34.06 1.30
N SER A 457 20.05 34.16 0.05
CA SER A 457 21.41 33.78 -0.32
C SER A 457 22.23 34.98 -0.74
N GLY A 458 23.50 34.75 -1.02
CA GLY A 458 24.41 35.83 -1.37
C GLY A 458 25.17 36.32 -0.15
N ALA A 459 25.81 37.49 -0.28
CA ALA A 459 26.71 37.98 0.76
C ALA A 459 26.00 38.34 2.05
N ASN A 460 24.79 38.88 1.94
CA ASN A 460 23.98 39.23 3.10
C ASN A 460 22.97 38.14 3.47
N GLY A 461 23.22 36.92 2.98
CA GLY A 461 22.29 35.83 3.21
C GLY A 461 22.60 34.99 4.44
N ASN A 462 21.81 33.93 4.62
CA ASN A 462 21.92 33.08 5.81
C ASN A 462 22.27 31.63 5.49
N VAL A 463 22.66 31.36 4.26
CA VAL A 463 22.86 29.98 3.81
C VAL A 463 23.85 29.22 4.67
N GLU A 464 25.04 29.77 4.85
CA GLU A 464 26.05 29.06 5.64
C GLU A 464 25.68 28.96 7.12
N GLN A 465 25.00 29.98 7.62
CA GLN A 465 24.51 29.93 9.00
C GLN A 465 23.52 28.78 9.20
N VAL A 466 22.56 28.64 8.29
CA VAL A 466 21.59 27.54 8.39
C VAL A 466 22.28 26.20 8.26
N ARG A 467 23.14 26.07 7.26
CA ARG A 467 23.79 24.81 7.00
C ARG A 467 24.70 24.39 8.16
N LYS A 468 25.45 25.34 8.70
CA LYS A 468 26.32 25.03 9.85
C LYS A 468 25.50 24.53 11.04
N ALA A 469 24.43 25.24 11.37
CA ALA A 469 23.61 24.86 12.52
C ALA A 469 22.99 23.46 12.34
N LEU A 470 22.52 23.17 11.13
CA LEU A 470 21.94 21.85 10.86
C LEU A 470 22.98 20.74 11.00
N ILE A 471 24.16 20.96 10.45
CA ILE A 471 25.25 19.98 10.57
C ILE A 471 25.62 19.73 12.03
N GLU A 472 25.82 20.80 12.79
CA GLU A 472 26.22 20.65 14.18
C GLU A 472 25.11 20.17 15.08
N LYS A 473 23.90 20.71 14.91
CA LYS A 473 22.83 20.41 15.87
C LYS A 473 21.93 19.24 15.49
N PHE A 474 21.93 18.86 14.22
CA PHE A 474 21.12 17.70 13.80
C PHE A 474 21.97 16.55 13.32
N TYR A 475 22.70 16.76 12.23
CA TYR A 475 23.42 15.62 11.65
C TYR A 475 24.51 15.04 12.57
N ASN A 476 25.34 15.88 13.16
CA ASN A 476 26.41 15.39 14.03
C ASN A 476 25.84 14.69 15.27
N VAL A 477 24.66 15.12 15.73
CA VAL A 477 24.04 14.54 16.91
C VAL A 477 23.39 13.19 16.61
N ARG A 478 22.48 13.18 15.64
CA ARG A 478 21.71 11.97 15.34
C ARG A 478 22.47 10.98 14.47
N TYR A 479 23.28 11.49 13.55
CA TYR A 479 23.99 10.62 12.61
C TYR A 479 25.50 10.90 12.58
N PRO A 480 26.20 10.60 13.69
CA PRO A 480 27.63 10.90 13.84
C PRO A 480 28.52 10.26 12.76
N ASP A 481 28.12 9.12 12.22
CA ASP A 481 28.98 8.37 11.31
C ASP A 481 28.80 8.68 9.83
N LEU A 482 28.03 9.71 9.48
CA LEU A 482 27.89 10.09 8.08
C LEU A 482 29.25 10.47 7.51
N THR A 483 29.53 9.99 6.30
CA THR A 483 30.72 10.39 5.59
C THR A 483 30.52 11.81 5.10
N ASP A 484 31.59 12.44 4.62
CA ASP A 484 31.53 13.77 4.02
C ASP A 484 30.59 13.79 2.83
N GLU A 485 30.66 12.74 2.01
CA GLU A 485 29.80 12.64 0.84
C GLU A 485 28.30 12.57 1.23
N GLU A 486 27.99 11.73 2.22
CA GLU A 486 26.62 11.61 2.70
C GLU A 486 26.09 12.92 3.27
N LEU A 487 26.97 13.63 3.98
CA LEU A 487 26.65 14.90 4.59
C LEU A 487 26.41 15.94 3.50
N LYS A 488 27.17 15.84 2.43
CA LYS A 488 27.04 16.75 1.29
C LYS A 488 25.71 16.54 0.58
N ASP A 489 25.32 15.28 0.43
CA ASP A 489 24.05 14.93 -0.20
C ASP A 489 22.86 15.31 0.67
N ALA A 490 23.04 15.29 1.99
CA ALA A 490 21.93 15.49 2.92
C ALA A 490 21.41 16.93 2.93
N ILE A 491 22.30 17.87 2.60
CA ILE A 491 21.94 19.28 2.58
C ILE A 491 22.37 19.87 1.27
N ILE A 492 21.41 20.34 0.48
CA ILE A 492 21.78 21.12 -0.70
C ILE A 492 21.07 22.48 -0.71
N VAL A 493 21.60 23.40 -1.51
CA VAL A 493 21.08 24.75 -1.59
C VAL A 493 20.73 25.00 -3.05
N SER A 494 19.55 25.55 -3.30
CA SER A 494 19.17 25.75 -4.68
C SER A 494 18.33 26.98 -4.88
N LYS A 495 18.49 27.59 -6.03
CA LYS A 495 17.52 28.54 -6.59
C LYS A 495 16.67 27.78 -7.60
N PRO A 496 15.53 28.35 -8.01
CA PRO A 496 14.72 27.69 -9.03
C PRO A 496 15.54 27.50 -10.30
N ALA A 497 15.33 26.39 -11.01
CA ALA A 497 16.22 26.08 -12.12
C ALA A 497 15.44 25.89 -13.41
N LEU A 498 16.18 25.83 -14.52
CA LEU A 498 15.64 25.63 -15.84
C LEU A 498 15.28 24.16 -16.08
N GLY A 499 14.23 23.93 -16.85
CA GLY A 499 13.75 22.58 -17.12
C GLY A 499 14.55 21.82 -18.16
N THR A 500 14.08 20.63 -18.49
CA THR A 500 14.72 19.72 -19.46
C THR A 500 15.19 20.47 -20.73
N CYS A 501 16.42 20.23 -21.14
N CYS A 501 16.41 20.19 -21.15
CA CYS A 501 16.90 20.85 -22.36
CA CYS A 501 17.00 20.91 -22.27
C CYS A 501 18.07 20.07 -22.96
C CYS A 501 18.16 20.13 -22.92
N LEU A 502 18.40 20.42 -24.21
CA LEU A 502 19.52 19.81 -24.95
C LEU A 502 20.64 20.84 -25.14
N TYR A 503 21.89 20.42 -25.00
CA TYR A 503 23.04 21.25 -25.37
C TYR A 503 23.82 20.55 -26.47
N GLU A 504 23.82 21.13 -27.67
CA GLU A 504 24.56 20.52 -28.78
C GLU A 504 26.08 20.58 -28.55
N GLN A 505 26.79 19.57 -29.02
CA GLN A 505 28.24 19.49 -28.82
C GLN A 505 28.95 19.23 -30.12
N PHE B 4 -0.38 -29.94 25.63
CA PHE B 4 -1.50 -30.76 25.20
C PHE B 4 -2.26 -31.31 26.41
N GLU B 5 -3.26 -30.54 26.88
CA GLU B 5 -4.05 -30.88 28.06
C GLU B 5 -3.26 -30.95 29.37
N GLN B 6 -1.93 -30.97 29.23
CA GLN B 6 -1.03 -30.62 30.29
C GLN B 6 -0.86 -29.11 30.21
N LYS B 7 -1.25 -28.55 29.06
CA LYS B 7 -1.29 -27.11 28.85
C LYS B 7 -2.13 -26.46 29.94
N HIS B 8 -3.37 -26.93 30.07
CA HIS B 8 -4.32 -26.38 31.03
C HIS B 8 -3.79 -26.48 32.46
N LEU B 9 -3.19 -27.61 32.79
CA LEU B 9 -2.61 -27.80 34.11
C LEU B 9 -1.46 -26.81 34.33
N ALA B 10 -0.61 -26.69 33.32
CA ALA B 10 0.58 -25.85 33.41
C ALA B 10 0.29 -24.37 33.24
N VAL B 11 -0.93 -24.04 32.81
CA VAL B 11 -1.35 -22.65 32.73
C VAL B 11 -1.96 -22.24 34.06
N VAL B 12 -2.76 -23.13 34.63
CA VAL B 12 -3.39 -22.88 35.92
C VAL B 12 -2.32 -22.76 37.00
N ASP B 13 -1.32 -23.64 36.93
CA ASP B 13 -0.22 -23.64 37.89
C ASP B 13 0.57 -22.34 37.80
N ALA B 14 0.86 -21.94 36.56
CA ALA B 14 1.61 -20.71 36.30
C ALA B 14 0.82 -19.48 36.76
N PHE B 15 -0.50 -19.53 36.60
CA PHE B 15 -1.36 -18.46 37.07
C PHE B 15 -1.21 -18.33 38.58
N PHE B 16 -1.28 -19.45 39.29
CA PHE B 16 -1.17 -19.44 40.74
C PHE B 16 0.18 -18.93 41.19
N GLN B 17 1.22 -19.24 40.42
CA GLN B 17 2.57 -18.78 40.76
C GLN B 17 2.73 -17.28 40.55
N THR B 18 1.81 -16.69 39.80
CA THR B 18 1.88 -15.27 39.49
C THR B 18 1.00 -14.43 40.43
N TYR B 19 -0.23 -14.89 40.64
CA TYR B 19 -1.22 -14.10 41.37
C TYR B 19 -1.58 -14.70 42.72
N HIS B 20 -1.01 -15.87 43.01
CA HIS B 20 -1.18 -16.51 44.32
C HIS B 20 -2.62 -16.90 44.63
N VAL B 21 -3.43 -17.05 43.58
CA VAL B 21 -4.82 -17.47 43.71
C VAL B 21 -5.17 -18.29 42.46
N LYS B 22 -6.11 -19.22 42.58
CA LYS B 22 -6.56 -20.00 41.43
C LYS B 22 -7.43 -19.18 40.48
N PRO B 23 -7.27 -19.41 39.17
CA PRO B 23 -8.09 -18.69 38.19
C PRO B 23 -9.53 -19.19 38.23
N ASP B 24 -10.45 -18.42 37.66
CA ASP B 24 -11.86 -18.81 37.66
C ASP B 24 -12.20 -19.62 36.43
N PHE B 25 -11.62 -19.25 35.31
CA PHE B 25 -11.88 -19.93 34.04
C PHE B 25 -10.70 -19.73 33.12
N ILE B 26 -10.66 -20.51 32.06
CA ILE B 26 -9.67 -20.32 31.00
C ILE B 26 -10.41 -20.08 29.69
N ALA B 27 -10.05 -19.00 29.00
CA ALA B 27 -10.59 -18.73 27.66
C ALA B 27 -9.51 -19.13 26.64
N ARG B 28 -9.93 -19.86 25.63
CA ARG B 28 -9.00 -20.39 24.65
C ARG B 28 -9.46 -20.06 23.23
N SER B 29 -8.52 -19.70 22.37
CA SER B 29 -8.81 -19.58 20.94
C SER B 29 -7.62 -20.05 20.12
N PRO B 30 -7.89 -20.86 19.08
CA PRO B 30 -6.83 -21.47 18.27
C PRO B 30 -6.25 -20.53 17.20
N GLY B 31 -5.02 -20.83 16.80
CA GLY B 31 -4.46 -20.23 15.60
C GLY B 31 -5.18 -20.78 14.39
N ARG B 32 -4.77 -20.38 13.20
CA ARG B 32 -5.44 -20.82 12.00
C ARG B 32 -4.46 -20.92 10.83
N VAL B 33 -4.84 -21.67 9.81
CA VAL B 33 -4.06 -21.70 8.60
C VAL B 33 -4.99 -21.91 7.41
N ASN B 34 -4.63 -21.34 6.26
CA ASN B 34 -5.41 -21.58 5.05
C ASN B 34 -4.89 -22.79 4.29
N LEU B 35 -5.80 -23.69 3.94
CA LEU B 35 -5.42 -24.95 3.32
C LEU B 35 -5.48 -24.89 1.79
N ILE B 36 -6.54 -24.28 1.26
CA ILE B 36 -6.68 -24.04 -0.17
C ILE B 36 -7.36 -22.68 -0.33
N GLY B 37 -6.94 -21.89 -1.30
CA GLY B 37 -7.63 -20.64 -1.60
C GLY B 37 -6.83 -19.40 -1.30
N GLU B 38 -5.69 -19.24 -1.98
CA GLU B 38 -4.83 -18.09 -1.77
C GLU B 38 -5.06 -17.02 -2.82
N HIS B 39 -5.10 -15.77 -2.38
CA HIS B 39 -5.31 -14.62 -3.28
C HIS B 39 -6.59 -14.72 -4.11
N ILE B 40 -7.69 -15.13 -3.49
CA ILE B 40 -8.98 -15.10 -4.16
C ILE B 40 -10.02 -14.39 -3.32
N ASP B 41 -9.69 -14.12 -2.06
CA ASP B 41 -10.69 -13.54 -1.15
C ASP B 41 -11.07 -12.12 -1.53
N TYR B 42 -10.12 -11.35 -2.04
CA TYR B 42 -10.46 -9.98 -2.44
C TYR B 42 -11.19 -9.93 -3.79
N CYS B 43 -11.36 -11.07 -4.44
CA CYS B 43 -12.27 -11.16 -5.56
C CYS B 43 -13.61 -11.78 -5.10
N ASP B 44 -13.81 -11.81 -3.78
CA ASP B 44 -15.04 -12.33 -3.14
C ASP B 44 -15.23 -13.84 -3.20
N PHE B 45 -14.19 -14.56 -3.60
CA PHE B 45 -14.31 -16.00 -3.62
C PHE B 45 -13.99 -16.62 -2.27
N SER B 46 -14.56 -17.79 -2.02
CA SER B 46 -14.51 -18.44 -0.73
C SER B 46 -13.23 -19.22 -0.51
N VAL B 47 -12.80 -19.34 0.75
CA VAL B 47 -11.54 -20.00 1.06
C VAL B 47 -11.75 -21.21 1.97
N LEU B 48 -10.68 -21.99 2.18
CA LEU B 48 -10.77 -23.22 2.94
C LEU B 48 -9.72 -23.30 4.04
N PRO B 49 -9.97 -22.64 5.18
CA PRO B 49 -8.97 -22.69 6.25
C PRO B 49 -9.29 -23.79 7.26
N LEU B 50 -8.43 -23.89 8.27
CA LEU B 50 -8.74 -24.71 9.44
C LEU B 50 -8.15 -24.11 10.69
N ALA B 51 -8.76 -24.39 11.84
CA ALA B 51 -8.18 -23.97 13.10
C ALA B 51 -7.15 -25.03 13.45
N ILE B 52 -6.05 -24.63 14.10
CA ILE B 52 -4.94 -25.56 14.35
C ILE B 52 -4.63 -25.77 15.82
N ASP B 53 -3.77 -26.76 16.10
CA ASP B 53 -3.50 -27.25 17.44
C ASP B 53 -2.70 -26.29 18.34
N VAL B 54 -2.42 -25.09 17.86
CA VAL B 54 -1.76 -24.11 18.70
C VAL B 54 -2.77 -23.03 19.05
N ASP B 55 -2.64 -22.43 20.22
CA ASP B 55 -3.70 -21.55 20.71
C ASP B 55 -3.20 -20.45 21.64
N MET B 56 -4.08 -19.49 21.92
CA MET B 56 -3.85 -18.57 23.02
C MET B 56 -4.74 -19.01 24.18
N LEU B 57 -4.15 -19.16 25.35
CA LEU B 57 -4.91 -19.47 26.55
C LEU B 57 -4.87 -18.27 27.49
N CYS B 58 -6.04 -17.84 27.95
CA CYS B 58 -6.13 -16.76 28.93
C CYS B 58 -6.79 -17.22 30.23
N ALA B 59 -5.97 -17.57 31.22
CA ALA B 59 -6.46 -17.92 32.55
C ALA B 59 -6.86 -16.65 33.29
N VAL B 60 -8.06 -16.64 33.85
CA VAL B 60 -8.60 -15.42 34.43
C VAL B 60 -9.12 -15.58 35.85
N LYS B 61 -8.73 -14.66 36.73
CA LYS B 61 -9.43 -14.47 37.99
C LYS B 61 -10.24 -13.18 37.90
N ILE B 62 -11.54 -13.27 38.14
CA ILE B 62 -12.41 -12.10 38.07
C ILE B 62 -12.27 -11.29 39.35
N LEU B 63 -12.07 -9.98 39.20
CA LEU B 63 -11.85 -9.12 40.37
C LEU B 63 -13.02 -8.21 40.70
N ASP B 64 -13.36 -8.18 41.98
CA ASP B 64 -14.30 -7.20 42.52
C ASP B 64 -13.49 -6.06 43.10
N GLU B 65 -13.49 -4.92 42.42
CA GLU B 65 -12.68 -3.80 42.88
C GLU B 65 -13.44 -2.49 42.81
N LYS B 66 -13.17 -1.61 43.77
CA LYS B 66 -13.66 -0.24 43.71
C LYS B 66 -13.15 0.40 42.43
N ASN B 67 -11.83 0.37 42.23
CA ASN B 67 -11.23 0.88 41.00
C ASN B 67 -10.71 -0.26 40.15
N PRO B 68 -11.54 -0.71 39.20
CA PRO B 68 -11.27 -1.92 38.39
C PRO B 68 -9.97 -1.79 37.62
N SER B 69 -9.16 -2.83 37.67
CA SER B 69 -7.91 -2.86 36.91
C SER B 69 -7.74 -4.22 36.26
N ILE B 70 -7.01 -4.26 35.16
CA ILE B 70 -6.70 -5.51 34.51
C ILE B 70 -5.19 -5.72 34.48
N THR B 71 -4.75 -6.82 35.06
CA THR B 71 -3.34 -7.19 34.99
C THR B 71 -3.16 -8.29 33.96
N LEU B 72 -2.26 -8.06 33.02
CA LEU B 72 -1.93 -9.04 32.00
C LEU B 72 -0.51 -9.51 32.19
N THR B 73 -0.35 -10.81 32.42
CA THR B 73 0.96 -11.42 32.52
C THR B 73 1.11 -12.47 31.43
N ASN B 74 2.29 -12.56 30.85
CA ASN B 74 2.54 -13.54 29.80
C ASN B 74 3.44 -14.67 30.27
N ALA B 75 3.27 -15.84 29.66
CA ALA B 75 4.11 -17.00 29.98
C ALA B 75 5.53 -16.76 29.49
N ASP B 76 5.66 -15.93 28.45
CA ASP B 76 6.96 -15.58 27.92
C ASP B 76 7.50 -14.41 28.75
N PRO B 77 8.67 -14.60 29.38
CA PRO B 77 9.25 -13.58 30.26
C PRO B 77 9.64 -12.30 29.53
N LYS B 78 9.90 -12.40 28.23
CA LYS B 78 10.29 -11.23 27.44
C LYS B 78 9.11 -10.32 27.12
N PHE B 79 7.90 -10.77 27.45
CA PHE B 79 6.72 -9.92 27.38
C PHE B 79 6.37 -9.45 28.78
N ALA B 80 6.77 -8.22 29.09
CA ALA B 80 6.65 -7.68 30.44
C ALA B 80 5.19 -7.48 30.85
N GLN B 81 4.93 -7.72 32.13
CA GLN B 81 3.61 -7.56 32.72
C GLN B 81 3.01 -6.18 32.39
N ARG B 82 1.73 -6.18 32.04
CA ARG B 82 1.02 -4.93 31.80
C ARG B 82 -0.12 -4.80 32.80
N LYS B 83 -0.32 -3.58 33.27
CA LYS B 83 -1.41 -3.28 34.19
C LYS B 83 -2.03 -1.94 33.82
N PHE B 84 -3.35 -1.92 33.66
CA PHE B 84 -4.07 -0.70 33.35
C PHE B 84 -5.40 -0.62 34.07
N ASP B 85 -5.77 0.58 34.50
CA ASP B 85 -7.08 0.78 35.12
C ASP B 85 -8.12 0.90 34.00
N LEU B 86 -9.34 0.51 34.30
CA LEU B 86 -10.42 0.63 33.32
C LEU B 86 -11.11 1.97 33.53
N PRO B 87 -11.31 2.71 32.43
CA PRO B 87 -11.92 4.05 32.43
C PRO B 87 -13.22 4.11 33.21
N LEU B 88 -13.26 4.95 34.24
CA LEU B 88 -14.38 5.01 35.16
C LEU B 88 -15.64 5.64 34.57
N ASP B 89 -15.51 6.22 33.38
CA ASP B 89 -16.64 6.81 32.69
C ASP B 89 -17.24 5.80 31.71
N GLY B 90 -16.82 4.55 31.85
CA GLY B 90 -17.26 3.48 30.96
C GLY B 90 -16.69 3.63 29.56
N SER B 91 -15.67 4.47 29.43
CA SER B 91 -15.04 4.71 28.14
C SER B 91 -14.18 3.53 27.70
N TYR B 92 -13.90 3.47 26.40
CA TYR B 92 -13.04 2.43 25.87
C TYR B 92 -11.59 2.76 26.17
N MET B 93 -10.78 1.73 26.31
CA MET B 93 -9.36 1.90 26.54
C MET B 93 -8.71 2.65 25.40
N ALA B 94 -7.44 2.99 25.57
CA ALA B 94 -6.69 3.62 24.51
C ALA B 94 -5.90 2.56 23.76
N ILE B 95 -6.34 2.25 22.55
CA ILE B 95 -5.57 1.38 21.67
C ILE B 95 -4.85 2.26 20.67
N ASP B 96 -3.67 2.74 21.06
CA ASP B 96 -2.89 3.57 20.15
C ASP B 96 -2.42 2.73 18.97
N PRO B 97 -2.62 3.25 17.75
CA PRO B 97 -2.33 2.53 16.50
C PRO B 97 -0.83 2.48 16.18
N SER B 98 -0.08 3.47 16.66
CA SER B 98 1.35 3.54 16.33
C SER B 98 2.18 2.54 17.15
N VAL B 99 2.01 2.55 18.47
CA VAL B 99 2.76 1.63 19.33
C VAL B 99 2.33 0.17 19.10
N SER B 100 3.31 -0.68 18.84
CA SER B 100 3.05 -2.10 18.68
C SER B 100 3.63 -2.88 19.86
N GLU B 101 2.74 -3.36 20.73
CA GLU B 101 3.14 -4.18 21.87
C GLU B 101 2.19 -5.36 22.07
N TRP B 102 2.64 -6.34 22.85
CA TRP B 102 1.97 -7.65 22.90
C TRP B 102 0.54 -7.63 23.46
N SER B 103 0.22 -6.63 24.27
CA SER B 103 -1.09 -6.52 24.89
C SER B 103 -2.16 -5.91 23.97
N ASN B 104 -1.75 -5.47 22.78
CA ASN B 104 -2.68 -4.83 21.84
C ASN B 104 -3.88 -5.70 21.46
N TYR B 105 -3.60 -6.95 21.13
CA TYR B 105 -4.67 -7.87 20.76
C TYR B 105 -5.64 -8.10 21.91
N PHE B 106 -5.14 -8.05 23.15
CA PHE B 106 -6.05 -8.18 24.29
C PHE B 106 -7.01 -7.00 24.33
N LYS B 107 -6.47 -5.79 24.23
CA LYS B 107 -7.29 -4.59 24.28
C LYS B 107 -8.30 -4.54 23.14
N CYS B 108 -7.93 -5.07 21.98
CA CYS B 108 -8.88 -5.24 20.88
C CYS B 108 -10.08 -6.08 21.32
N GLY B 109 -9.82 -7.24 21.89
CA GLY B 109 -10.88 -8.15 22.30
C GLY B 109 -11.73 -7.51 23.38
N LEU B 110 -11.05 -6.84 24.31
CA LEU B 110 -11.72 -6.17 25.41
C LEU B 110 -12.66 -5.11 24.85
N HIS B 111 -12.17 -4.38 23.86
CA HIS B 111 -12.93 -3.28 23.26
C HIS B 111 -14.18 -3.80 22.57
N VAL B 112 -14.03 -4.81 21.72
CA VAL B 112 -15.16 -5.28 20.95
C VAL B 112 -16.18 -5.98 21.86
N ALA B 113 -15.72 -6.62 22.93
CA ALA B 113 -16.64 -7.25 23.87
C ALA B 113 -17.39 -6.18 24.64
N HIS B 114 -16.67 -5.12 25.03
CA HIS B 114 -17.26 -4.02 25.78
C HIS B 114 -18.36 -3.36 24.96
N SER B 115 -18.09 -3.15 23.67
CA SER B 115 -19.08 -2.52 22.81
C SER B 115 -20.33 -3.39 22.68
N TYR B 116 -20.11 -4.69 22.49
CA TYR B 116 -21.20 -5.66 22.45
C TYR B 116 -22.04 -5.61 23.72
N LEU B 117 -21.37 -5.52 24.87
CA LEU B 117 -22.07 -5.53 26.15
C LEU B 117 -22.92 -4.28 26.32
N LYS B 118 -22.40 -3.14 25.85
CA LYS B 118 -23.12 -1.87 25.97
C LYS B 118 -24.43 -1.94 25.20
N LYS B 119 -24.44 -2.71 24.12
CA LYS B 119 -25.62 -2.78 23.28
C LYS B 119 -26.70 -3.69 23.86
N ILE B 120 -26.29 -4.72 24.60
CA ILE B 120 -27.29 -5.61 25.18
C ILE B 120 -27.82 -5.10 26.53
N ALA B 121 -26.97 -4.41 27.28
CA ALA B 121 -27.38 -3.86 28.57
C ALA B 121 -26.77 -2.48 28.85
N PRO B 122 -27.31 -1.43 28.22
CA PRO B 122 -26.77 -0.07 28.34
C PRO B 122 -26.68 0.43 29.78
N GLU B 123 -27.71 0.19 30.57
CA GLU B 123 -27.72 0.66 31.95
C GLU B 123 -26.64 -0.04 32.76
N ARG B 124 -26.25 -1.23 32.31
CA ARG B 124 -25.27 -2.03 33.02
C ARG B 124 -23.81 -1.67 32.65
N PHE B 125 -23.59 -1.28 31.40
CA PHE B 125 -22.22 -1.10 30.91
C PHE B 125 -21.84 0.27 30.32
N ASN B 126 -22.82 1.16 30.12
CA ASN B 126 -22.56 2.38 29.35
C ASN B 126 -21.61 3.40 29.99
N ASN B 127 -21.88 3.80 31.22
CA ASN B 127 -21.02 4.76 31.89
C ASN B 127 -20.43 4.17 33.17
N THR B 128 -20.18 2.87 33.12
CA THR B 128 -19.61 2.11 34.22
C THR B 128 -18.54 1.20 33.60
N PRO B 129 -17.38 1.06 34.27
CA PRO B 129 -16.31 0.22 33.70
C PRO B 129 -16.62 -1.27 33.87
N LEU B 130 -16.02 -2.08 33.02
CA LEU B 130 -16.09 -3.53 33.16
C LEU B 130 -15.39 -3.96 34.43
N VAL B 131 -15.58 -5.22 34.82
CA VAL B 131 -14.94 -5.73 36.03
C VAL B 131 -13.45 -5.93 35.81
N GLY B 132 -12.67 -5.80 36.88
CA GLY B 132 -11.25 -5.99 36.80
C GLY B 132 -10.91 -7.47 36.69
N ALA B 133 -9.64 -7.76 36.45
CA ALA B 133 -9.20 -9.14 36.32
C ALA B 133 -7.70 -9.31 36.52
N GLN B 134 -7.31 -10.50 36.96
CA GLN B 134 -5.93 -10.94 36.86
C GLN B 134 -5.89 -12.01 35.79
N ILE B 135 -5.00 -11.83 34.82
CA ILE B 135 -5.00 -12.67 33.64
C ILE B 135 -3.61 -13.17 33.27
N PHE B 136 -3.49 -14.47 33.07
CA PHE B 136 -2.23 -15.05 32.60
C PHE B 136 -2.43 -15.57 31.17
N CYS B 137 -1.60 -15.09 30.25
CA CYS B 137 -1.72 -15.39 28.82
C CYS B 137 -0.58 -16.28 28.35
N GLN B 138 -0.95 -17.41 27.75
CA GLN B 138 0.03 -18.37 27.27
C GLN B 138 -0.29 -18.82 25.86
N SER B 139 0.59 -18.51 24.92
CA SER B 139 0.38 -18.86 23.53
C SER B 139 1.55 -19.64 22.96
N ASP B 140 1.25 -20.65 22.15
CA ASP B 140 2.28 -21.38 21.44
C ASP B 140 2.10 -21.24 19.92
N ILE B 141 1.38 -20.21 19.50
CA ILE B 141 1.16 -19.96 18.09
C ILE B 141 2.38 -19.25 17.52
N PRO B 142 2.95 -19.79 16.43
CA PRO B 142 4.13 -19.19 15.80
C PRO B 142 3.75 -18.17 14.73
N THR B 143 4.74 -17.50 14.16
CA THR B 143 4.50 -16.58 13.05
C THR B 143 3.80 -17.33 11.94
N GLY B 144 2.82 -16.69 11.32
CA GLY B 144 2.06 -17.30 10.23
C GLY B 144 0.84 -18.03 10.74
N GLY B 145 0.71 -18.14 12.05
CA GLY B 145 -0.33 -18.95 12.65
C GLY B 145 -1.56 -18.19 13.12
N GLY B 146 -1.53 -16.87 13.00
CA GLY B 146 -2.68 -16.05 13.33
C GLY B 146 -2.87 -15.77 14.81
N LEU B 147 -1.81 -15.33 15.47
CA LEU B 147 -1.89 -14.98 16.88
C LEU B 147 -2.86 -13.82 17.10
N SER B 148 -2.84 -12.83 16.19
CA SER B 148 -3.64 -11.63 16.38
C SER B 148 -5.13 -11.95 16.56
N SER B 149 -5.66 -12.79 15.68
CA SER B 149 -7.07 -13.19 15.80
C SER B 149 -7.32 -14.08 17.00
N ALA B 150 -6.44 -15.05 17.23
CA ALA B 150 -6.58 -15.95 18.37
C ALA B 150 -6.65 -15.18 19.68
N PHE B 151 -5.69 -14.29 19.89
CA PHE B 151 -5.62 -13.50 21.11
C PHE B 151 -6.84 -12.57 21.22
N THR B 152 -7.22 -11.93 20.11
CA THR B 152 -8.39 -11.07 20.12
C THR B 152 -9.68 -11.84 20.49
N CYS B 153 -9.90 -12.98 19.85
CA CYS B 153 -11.07 -13.81 20.17
C CYS B 153 -11.04 -14.35 21.59
N ALA B 154 -9.88 -14.82 22.05
CA ALA B 154 -9.79 -15.34 23.42
C ALA B 154 -10.07 -14.21 24.41
N ALA B 155 -9.57 -13.02 24.11
CA ALA B 155 -9.76 -11.87 24.98
C ALA B 155 -11.21 -11.38 25.01
N ALA B 156 -11.85 -11.35 23.86
CA ALA B 156 -13.26 -10.96 23.78
C ALA B 156 -14.13 -11.94 24.60
N LEU B 157 -13.88 -13.23 24.42
CA LEU B 157 -14.64 -14.25 25.16
C LEU B 157 -14.36 -14.15 26.67
N ALA B 158 -13.10 -13.94 27.02
CA ALA B 158 -12.73 -13.78 28.43
C ALA B 158 -13.45 -12.60 29.04
N THR B 159 -13.65 -11.56 28.23
CA THR B 159 -14.32 -10.35 28.71
C THR B 159 -15.84 -10.55 28.86
N ILE B 160 -16.46 -11.19 27.87
CA ILE B 160 -17.87 -11.57 27.99
C ILE B 160 -18.10 -12.39 29.26
N ARG B 161 -17.31 -13.46 29.42
CA ARG B 161 -17.45 -14.37 30.54
C ARG B 161 -17.34 -13.69 31.91
N ALA B 162 -16.33 -12.83 32.07
CA ALA B 162 -16.07 -12.17 33.34
C ALA B 162 -17.21 -11.23 33.73
N ASN B 163 -17.91 -10.71 32.73
CA ASN B 163 -18.91 -9.68 32.99
C ASN B 163 -20.35 -10.17 32.93
N MET B 164 -20.58 -11.30 32.26
CA MET B 164 -21.94 -11.80 32.09
C MET B 164 -22.26 -13.05 32.89
N GLY B 165 -21.23 -13.70 33.45
CA GLY B 165 -21.43 -14.89 34.28
C GLY B 165 -21.20 -16.21 33.55
N LYS B 166 -21.30 -17.31 34.28
CA LYS B 166 -20.98 -18.63 33.73
C LYS B 166 -22.04 -19.20 32.77
N ASN B 167 -23.29 -18.79 32.92
CA ASN B 167 -24.37 -19.38 32.12
C ASN B 167 -24.54 -18.75 30.73
N PHE B 168 -24.35 -17.45 30.65
CA PHE B 168 -24.50 -16.75 29.37
C PHE B 168 -23.41 -17.17 28.38
N ASP B 169 -23.83 -17.52 27.16
CA ASP B 169 -22.89 -17.86 26.11
C ASP B 169 -23.18 -17.02 24.86
N ILE B 170 -22.19 -16.25 24.41
CA ILE B 170 -22.36 -15.47 23.18
C ILE B 170 -22.42 -16.44 22.00
N SER B 171 -23.28 -16.17 21.03
CA SER B 171 -23.32 -17.01 19.83
C SER B 171 -21.99 -16.92 19.08
N LYS B 172 -21.62 -18.00 18.41
CA LYS B 172 -20.44 -17.98 17.56
C LYS B 172 -20.66 -16.91 16.50
N LYS B 173 -21.90 -16.80 16.06
CA LYS B 173 -22.29 -15.79 15.07
C LYS B 173 -21.96 -14.39 15.56
N ASP B 174 -22.39 -14.03 16.76
CA ASP B 174 -22.07 -12.70 17.26
C ASP B 174 -20.59 -12.52 17.61
N LEU B 175 -19.95 -13.58 18.12
CA LEU B 175 -18.53 -13.49 18.48
C LEU B 175 -17.70 -13.24 17.22
N THR B 176 -18.05 -13.94 16.14
CA THR B 176 -17.39 -13.75 14.85
C THR B 176 -17.63 -12.34 14.33
N ARG B 177 -18.89 -11.89 14.37
CA ARG B 177 -19.20 -10.52 13.96
C ARG B 177 -18.38 -9.45 14.69
N ILE B 178 -18.36 -9.49 16.02
CA ILE B 178 -17.73 -8.40 16.76
C ILE B 178 -16.20 -8.41 16.68
N THR B 179 -15.60 -9.60 16.56
CA THR B 179 -14.14 -9.70 16.46
C THR B 179 -13.61 -9.37 15.06
N ALA B 180 -14.44 -9.56 14.04
CA ALA B 180 -14.04 -9.27 12.67
C ALA B 180 -13.78 -7.78 12.53
N VAL B 181 -14.54 -6.98 13.26
CA VAL B 181 -14.37 -5.53 13.26
C VAL B 181 -12.94 -5.15 13.68
N ALA B 182 -12.35 -5.93 14.58
CA ALA B 182 -11.03 -5.60 15.12
C ALA B 182 -9.89 -5.53 14.11
N GLU B 183 -10.14 -6.01 12.89
CA GLU B 183 -9.17 -5.98 11.81
C GLU B 183 -8.61 -4.57 11.57
N HIS B 184 -9.45 -3.56 11.74
CA HIS B 184 -9.00 -2.19 11.50
C HIS B 184 -8.31 -1.62 12.74
N TYR B 185 -8.33 -2.35 13.86
CA TYR B 185 -7.55 -1.92 15.03
C TYR B 185 -6.15 -2.53 14.94
N VAL B 186 -6.04 -3.66 14.25
CA VAL B 186 -4.76 -4.36 14.14
C VAL B 186 -3.97 -3.91 12.90
N GLY B 187 -4.65 -3.65 11.80
CA GLY B 187 -3.99 -3.29 10.55
C GLY B 187 -3.88 -4.49 9.63
N VAL B 188 -4.88 -5.37 9.70
CA VAL B 188 -4.92 -6.57 8.89
C VAL B 188 -6.22 -6.54 8.09
N ASN B 189 -6.19 -7.05 6.86
CA ASN B 189 -7.38 -7.05 6.03
CA ASN B 189 -7.41 -7.04 6.05
C ASN B 189 -7.72 -8.41 5.42
N ASN B 190 -8.10 -9.36 6.27
CA ASN B 190 -8.48 -10.68 5.78
C ASN B 190 -10.00 -10.90 5.74
N GLY B 191 -10.76 -9.80 5.73
CA GLY B 191 -12.21 -9.86 5.58
C GLY B 191 -12.98 -10.64 6.64
N GLY B 192 -12.34 -10.90 7.78
CA GLY B 192 -12.97 -11.62 8.88
C GLY B 192 -12.69 -13.12 8.86
N MET B 193 -11.90 -13.56 7.88
CA MET B 193 -11.64 -14.99 7.73
C MET B 193 -10.91 -15.56 8.96
N ASP B 194 -10.00 -14.77 9.52
CA ASP B 194 -9.20 -15.22 10.66
C ASP B 194 -10.07 -15.48 11.89
N GLN B 195 -10.94 -14.52 12.19
CA GLN B 195 -11.83 -14.58 13.34
C GLN B 195 -12.83 -15.71 13.18
N ALA B 196 -13.43 -15.79 11.99
CA ALA B 196 -14.37 -16.85 11.65
C ALA B 196 -13.74 -18.23 11.84
N THR B 197 -12.50 -18.40 11.37
CA THR B 197 -11.82 -19.69 11.52
C THR B 197 -11.54 -20.01 12.98
N SER B 198 -11.08 -19.02 13.73
CA SER B 198 -10.76 -19.22 15.13
C SER B 198 -12.03 -19.56 15.92
N VAL B 199 -13.15 -18.95 15.57
CA VAL B 199 -14.39 -19.20 16.31
C VAL B 199 -15.06 -20.52 15.91
N TYR B 200 -15.06 -20.83 14.62
CA TYR B 200 -15.86 -21.95 14.10
C TYR B 200 -15.10 -23.24 13.88
N GLY B 201 -13.81 -23.28 14.22
CA GLY B 201 -13.05 -24.48 14.03
C GLY B 201 -13.69 -25.69 14.73
N GLU B 202 -13.52 -26.86 14.13
N GLU B 202 -13.55 -26.86 14.13
CA GLU B 202 -13.92 -28.11 14.75
CA GLU B 202 -13.94 -28.11 14.80
C GLU B 202 -12.81 -29.13 14.54
C GLU B 202 -12.89 -29.16 14.51
N GLU B 203 -12.67 -30.06 15.47
CA GLU B 203 -11.73 -31.17 15.29
C GLU B 203 -12.17 -31.94 14.06
N ASP B 204 -11.18 -32.39 13.28
CA ASP B 204 -11.40 -33.19 12.08
C ASP B 204 -12.15 -32.44 10.98
N HIS B 205 -12.29 -31.13 11.09
CA HIS B 205 -12.99 -30.35 10.08
C HIS B 205 -12.17 -29.18 9.55
N ALA B 206 -12.29 -28.94 8.24
CA ALA B 206 -11.91 -27.65 7.67
C ALA B 206 -13.16 -26.79 7.58
N LEU B 207 -12.98 -25.53 7.21
CA LEU B 207 -14.10 -24.61 7.11
C LEU B 207 -14.22 -24.10 5.68
N TYR B 208 -15.45 -24.08 5.17
CA TYR B 208 -15.80 -23.40 3.95
C TYR B 208 -16.13 -22.00 4.41
N VAL B 209 -15.22 -21.05 4.18
CA VAL B 209 -15.44 -19.70 4.64
C VAL B 209 -15.83 -18.82 3.47
N GLU B 210 -17.07 -18.32 3.52
CA GLU B 210 -17.63 -17.49 2.44
C GLU B 210 -17.69 -16.05 2.88
N PHE B 211 -17.71 -15.15 1.89
CA PHE B 211 -17.83 -13.71 2.13
C PHE B 211 -19.10 -13.16 1.46
N ARG B 212 -19.67 -13.93 0.54
CA ARG B 212 -20.87 -13.50 -0.19
C ARG B 212 -22.01 -14.46 0.03
N PRO B 213 -23.19 -13.94 0.37
CA PRO B 213 -23.43 -12.49 0.57
C PRO B 213 -23.02 -11.98 1.95
N LYS B 214 -22.59 -12.88 2.84
CA LYS B 214 -22.17 -12.50 4.19
C LYS B 214 -20.94 -13.31 4.59
N LEU B 215 -20.16 -12.81 5.55
CA LEU B 215 -19.14 -13.62 6.20
C LEU B 215 -19.83 -14.80 6.89
N LYS B 216 -19.39 -16.02 6.57
CA LYS B 216 -20.03 -17.24 7.03
C LYS B 216 -18.98 -18.34 7.01
N ALA B 217 -19.05 -19.25 7.96
CA ALA B 217 -18.16 -20.41 8.01
C ALA B 217 -18.97 -21.71 8.18
N THR B 218 -18.69 -22.71 7.35
CA THR B 218 -19.39 -23.98 7.45
C THR B 218 -18.39 -25.13 7.57
N PRO B 219 -18.44 -25.87 8.70
CA PRO B 219 -17.49 -26.98 8.88
C PRO B 219 -17.73 -28.11 7.90
N PHE B 220 -16.65 -28.67 7.36
CA PHE B 220 -16.70 -29.82 6.48
C PHE B 220 -15.74 -30.87 7.02
N LYS B 221 -16.26 -32.06 7.32
CA LYS B 221 -15.45 -33.10 7.93
C LYS B 221 -14.49 -33.74 6.93
N PHE B 222 -13.25 -33.97 7.35
CA PHE B 222 -12.35 -34.82 6.60
C PHE B 222 -12.86 -36.25 6.59
N PRO B 223 -12.59 -37.00 5.50
CA PRO B 223 -13.06 -38.39 5.42
C PRO B 223 -12.40 -39.24 6.50
N GLN B 224 -13.18 -40.09 7.16
CA GLN B 224 -12.59 -41.02 8.10
C GLN B 224 -11.71 -41.99 7.32
N LEU B 225 -10.46 -42.14 7.75
CA LEU B 225 -9.54 -43.04 7.07
C LEU B 225 -9.41 -44.36 7.83
N LYS B 226 -9.03 -45.42 7.12
CA LYS B 226 -8.97 -46.75 7.72
C LYS B 226 -7.81 -46.89 8.71
N ASN B 227 -6.59 -46.67 8.24
CA ASN B 227 -5.41 -46.85 9.09
C ASN B 227 -4.40 -45.71 9.06
N HIS B 228 -4.82 -44.55 8.57
CA HIS B 228 -3.96 -43.38 8.60
C HIS B 228 -4.67 -42.20 9.24
N GLU B 229 -3.89 -41.21 9.69
CA GLU B 229 -4.45 -39.99 10.24
C GLU B 229 -4.02 -38.80 9.39
N ILE B 230 -4.92 -37.83 9.25
CA ILE B 230 -4.65 -36.62 8.49
C ILE B 230 -3.99 -35.57 9.38
N SER B 231 -2.76 -35.19 9.03
CA SER B 231 -2.07 -34.08 9.67
C SER B 231 -1.46 -33.11 8.65
N PHE B 232 -1.09 -31.93 9.12
CA PHE B 232 -0.50 -30.91 8.26
C PHE B 232 0.77 -30.36 8.89
N VAL B 233 1.84 -30.35 8.10
CA VAL B 233 3.09 -29.77 8.54
C VAL B 233 3.11 -28.33 8.05
N ILE B 234 3.34 -27.41 8.98
CA ILE B 234 3.38 -26.00 8.66
C ILE B 234 4.81 -25.52 8.86
N ALA B 235 5.45 -25.15 7.74
CA ALA B 235 6.85 -24.78 7.76
C ALA B 235 7.05 -23.36 7.25
N ASN B 236 7.67 -22.53 8.07
CA ASN B 236 7.88 -21.14 7.73
C ASN B 236 9.10 -20.97 6.82
N THR B 237 9.00 -20.10 5.82
CA THR B 237 10.14 -19.82 4.95
C THR B 237 11.14 -18.92 5.68
N LEU B 238 10.68 -18.27 6.74
CA LEU B 238 11.45 -17.29 7.51
C LEU B 238 11.76 -16.04 6.69
N VAL B 239 11.08 -15.91 5.56
CA VAL B 239 11.06 -14.68 4.78
C VAL B 239 9.80 -13.92 5.16
N LYS B 240 9.96 -12.70 5.69
CA LYS B 240 8.82 -11.88 6.10
C LYS B 240 7.93 -11.44 4.92
N SER B 241 6.66 -11.83 4.96
CA SER B 241 5.72 -11.43 3.92
C SER B 241 5.54 -9.92 3.84
N ALA B 247 4.49 -4.06 -1.59
CA ALA B 247 5.29 -3.83 -2.79
C ALA B 247 4.42 -3.42 -3.97
N PRO B 248 4.94 -2.50 -4.79
CA PRO B 248 4.31 -2.03 -6.01
C PRO B 248 4.35 -3.09 -7.10
N THR B 249 5.24 -4.07 -6.98
CA THR B 249 5.23 -5.17 -7.95
C THR B 249 4.43 -6.37 -7.46
N ASN B 250 4.01 -6.35 -6.20
CA ASN B 250 3.33 -7.50 -5.59
C ASN B 250 1.82 -7.30 -5.36
N TYR B 251 1.40 -7.18 -4.11
CA TYR B 251 -0.02 -7.11 -3.77
C TYR B 251 -0.79 -6.04 -4.52
N ASN B 252 -0.25 -4.82 -4.55
CA ASN B 252 -0.88 -3.70 -5.24
C ASN B 252 -1.10 -4.00 -6.72
N LEU B 253 -0.10 -4.59 -7.34
CA LEU B 253 -0.18 -4.90 -8.76
C LEU B 253 -1.26 -5.96 -8.98
N ARG B 254 -1.36 -6.93 -8.05
CA ARG B 254 -2.33 -8.01 -8.20
C ARG B 254 -3.75 -7.48 -8.12
N VAL B 255 -4.00 -6.59 -7.17
CA VAL B 255 -5.32 -5.99 -7.01
C VAL B 255 -5.73 -5.23 -8.27
N ILE B 256 -4.77 -4.54 -8.87
CA ILE B 256 -5.04 -3.83 -10.13
C ILE B 256 -5.27 -4.83 -11.26
N GLU B 257 -4.40 -5.84 -11.37
CA GLU B 257 -4.56 -6.83 -12.42
C GLU B 257 -5.92 -7.56 -12.39
N VAL B 258 -6.39 -7.97 -11.21
CA VAL B 258 -7.66 -8.69 -11.17
C VAL B 258 -8.86 -7.76 -11.41
N THR B 259 -8.73 -6.51 -10.99
CA THR B 259 -9.78 -5.53 -11.19
C THR B 259 -9.91 -5.17 -12.69
N VAL B 260 -8.76 -4.96 -13.33
CA VAL B 260 -8.74 -4.69 -14.76
C VAL B 260 -9.21 -5.92 -15.54
N ALA B 261 -8.80 -7.12 -15.10
CA ALA B 261 -9.25 -8.35 -15.77
C ALA B 261 -10.77 -8.51 -15.76
N ALA B 262 -11.40 -8.17 -14.64
CA ALA B 262 -12.85 -8.31 -14.52
C ALA B 262 -13.54 -7.35 -15.48
N ASN B 263 -12.96 -6.15 -15.62
CA ASN B 263 -13.53 -5.15 -16.54
C ASN B 263 -13.28 -5.43 -18.00
N ALA B 264 -12.09 -5.95 -18.32
CA ALA B 264 -11.83 -6.42 -19.67
C ALA B 264 -12.80 -7.55 -20.05
N LEU B 265 -13.11 -8.42 -19.11
CA LEU B 265 -14.06 -9.49 -19.39
C LEU B 265 -15.45 -8.91 -19.56
N ALA B 266 -15.83 -7.97 -18.70
CA ALA B 266 -17.15 -7.37 -18.76
C ALA B 266 -17.31 -6.62 -20.08
N THR B 267 -16.25 -5.93 -20.48
CA THR B 267 -16.27 -5.20 -21.74
C THR B 267 -16.36 -6.18 -22.92
N ARG B 268 -15.58 -7.24 -22.89
CA ARG B 268 -15.60 -8.21 -24.00
C ARG B 268 -16.98 -8.81 -24.25
N TYR B 269 -17.70 -9.09 -23.17
CA TYR B 269 -19.00 -9.78 -23.24
C TYR B 269 -20.19 -8.83 -23.08
N SER B 270 -19.92 -7.53 -23.12
CA SER B 270 -20.94 -6.50 -23.10
C SER B 270 -21.89 -6.62 -21.92
N VAL B 271 -21.33 -6.80 -20.72
CA VAL B 271 -22.14 -6.79 -19.52
C VAL B 271 -21.63 -5.71 -18.59
N ALA B 272 -22.48 -5.29 -17.66
CA ALA B 272 -22.08 -4.37 -16.61
C ALA B 272 -21.90 -5.16 -15.33
N LEU B 273 -20.89 -4.80 -14.54
CA LEU B 273 -20.63 -5.48 -13.29
C LEU B 273 -21.65 -5.06 -12.24
N PRO B 274 -22.45 -6.02 -11.72
CA PRO B 274 -23.50 -5.73 -10.74
C PRO B 274 -22.93 -5.08 -9.47
N SER B 275 -23.68 -4.12 -8.91
CA SER B 275 -23.28 -3.49 -7.66
C SER B 275 -23.31 -4.51 -6.52
N HIS B 276 -22.60 -4.19 -5.44
CA HIS B 276 -22.64 -5.00 -4.25
C HIS B 276 -23.76 -4.52 -3.34
N LYS B 277 -24.65 -5.43 -2.99
CA LYS B 277 -25.80 -5.09 -2.16
C LYS B 277 -25.64 -5.68 -0.76
N ASP B 278 -24.72 -6.63 -0.63
CA ASP B 278 -24.41 -7.24 0.66
C ASP B 278 -22.92 -7.12 1.00
N ASN B 279 -22.33 -8.17 1.58
CA ASN B 279 -20.90 -8.12 1.92
C ASN B 279 -20.02 -8.22 0.67
N SER B 280 -18.79 -7.74 0.78
CA SER B 280 -17.82 -7.86 -0.31
C SER B 280 -16.44 -7.54 0.23
N ASN B 281 -15.43 -8.18 -0.36
CA ASN B 281 -14.03 -7.89 -0.04
C ASN B 281 -13.38 -6.95 -1.06
N SER B 282 -14.18 -6.43 -1.98
CA SER B 282 -13.65 -5.40 -2.87
C SER B 282 -14.60 -4.21 -2.98
N GLU B 283 -14.04 -3.02 -3.18
CA GLU B 283 -14.82 -1.82 -3.35
C GLU B 283 -15.55 -1.79 -4.69
N ARG B 284 -14.85 -2.27 -5.74
CA ARG B 284 -15.37 -2.23 -7.09
C ARG B 284 -15.75 -3.62 -7.60
N GLY B 285 -16.38 -3.66 -8.77
CA GLY B 285 -16.74 -4.90 -9.41
C GLY B 285 -15.53 -5.81 -9.54
N ASN B 286 -15.72 -7.09 -9.28
CA ASN B 286 -14.58 -8.00 -9.28
C ASN B 286 -14.88 -9.22 -10.12
N LEU B 287 -13.97 -10.19 -10.10
CA LEU B 287 -14.12 -11.39 -10.92
C LEU B 287 -15.36 -12.23 -10.60
N ARG B 288 -15.82 -12.21 -9.35
CA ARG B 288 -17.06 -12.92 -9.00
C ARG B 288 -18.27 -12.18 -9.60
N ASP B 289 -18.25 -10.86 -9.51
CA ASP B 289 -19.28 -10.05 -10.12
C ASP B 289 -19.40 -10.28 -11.63
N PHE B 290 -18.27 -10.47 -12.32
CA PHE B 290 -18.32 -10.75 -13.75
C PHE B 290 -19.00 -12.08 -13.99
N MET B 291 -18.72 -13.04 -13.12
CA MET B 291 -19.33 -14.35 -13.24
C MET B 291 -20.84 -14.24 -13.12
N ASP B 292 -21.31 -13.42 -12.19
CA ASP B 292 -22.75 -13.22 -12.02
C ASP B 292 -23.35 -12.46 -13.20
N ALA B 293 -22.59 -11.49 -13.74
CA ALA B 293 -23.08 -10.66 -14.85
C ALA B 293 -23.18 -11.49 -16.13
N TYR B 294 -22.19 -12.33 -16.35
CA TYR B 294 -22.20 -13.20 -17.50
C TYR B 294 -23.37 -14.17 -17.43
N TYR B 295 -23.57 -14.77 -16.26
CA TYR B 295 -24.67 -15.73 -16.10
C TYR B 295 -26.04 -15.09 -16.25
N ALA B 296 -26.21 -13.88 -15.73
CA ALA B 296 -27.49 -13.20 -15.85
C ALA B 296 -27.81 -12.90 -17.31
N ARG B 297 -26.75 -12.64 -18.09
CA ARG B 297 -26.94 -12.21 -19.47
C ARG B 297 -27.03 -13.36 -20.48
N TYR B 298 -26.27 -14.43 -20.26
CA TYR B 298 -26.12 -15.47 -21.30
C TYR B 298 -26.65 -16.84 -20.90
N GLU B 299 -26.87 -17.05 -19.61
CA GLU B 299 -27.28 -18.36 -19.13
C GLU B 299 -28.62 -18.27 -18.41
N ASN B 300 -29.34 -17.18 -18.65
CA ASN B 300 -30.61 -16.85 -18.00
C ASN B 300 -30.74 -17.25 -16.53
N GLN B 301 -29.63 -17.22 -15.81
CA GLN B 301 -29.65 -17.39 -14.36
C GLN B 301 -29.47 -16.03 -13.74
N ALA B 302 -30.54 -15.24 -13.71
CA ALA B 302 -30.49 -13.87 -13.21
C ALA B 302 -29.96 -13.78 -11.79
N GLN B 303 -29.96 -14.91 -11.08
CA GLN B 303 -29.54 -14.95 -9.69
C GLN B 303 -28.04 -15.13 -9.53
N PRO B 304 -27.40 -14.22 -8.77
CA PRO B 304 -25.99 -14.32 -8.42
C PRO B 304 -25.70 -15.65 -7.74
N TRP B 305 -24.53 -16.21 -8.00
CA TRP B 305 -24.14 -17.49 -7.41
C TRP B 305 -24.13 -17.39 -5.89
N ASN B 306 -24.81 -18.34 -5.26
CA ASN B 306 -25.07 -18.30 -3.82
C ASN B 306 -24.09 -19.10 -2.97
N GLY B 307 -23.05 -19.64 -3.59
CA GLY B 307 -22.05 -20.42 -2.87
C GLY B 307 -22.26 -21.92 -2.91
N ASP B 308 -23.35 -22.37 -3.54
CA ASP B 308 -23.58 -23.81 -3.71
C ASP B 308 -22.42 -24.40 -4.48
N ILE B 309 -21.95 -25.55 -4.03
CA ILE B 309 -20.71 -26.12 -4.54
C ILE B 309 -20.82 -26.67 -5.95
N GLY B 310 -21.83 -27.50 -6.20
CA GLY B 310 -22.04 -28.07 -7.51
C GLY B 310 -22.22 -27.00 -8.58
N THR B 311 -23.06 -26.02 -8.28
CA THR B 311 -23.29 -24.90 -9.17
C THR B 311 -22.00 -24.10 -9.38
N GLY B 312 -21.27 -23.91 -8.28
CA GLY B 312 -20.03 -23.18 -8.32
C GLY B 312 -18.99 -23.83 -9.21
N ILE B 313 -18.91 -25.16 -9.15
CA ILE B 313 -17.95 -25.87 -9.99
C ILE B 313 -18.29 -25.65 -11.46
N GLU B 314 -19.58 -25.71 -11.76
CA GLU B 314 -20.07 -25.51 -13.10
C GLU B 314 -19.73 -24.10 -13.61
N ARG B 315 -20.02 -23.09 -12.81
CA ARG B 315 -19.83 -21.72 -13.26
C ARG B 315 -18.36 -21.32 -13.35
N LEU B 316 -17.55 -21.86 -12.45
CA LEU B 316 -16.12 -21.56 -12.49
C LEU B 316 -15.46 -22.22 -13.72
N LEU B 317 -15.84 -23.45 -14.03
CA LEU B 317 -15.38 -24.11 -15.25
C LEU B 317 -15.73 -23.26 -16.47
N LYS B 318 -16.91 -22.65 -16.45
CA LYS B 318 -17.33 -21.78 -17.53
C LYS B 318 -16.43 -20.57 -17.63
N MET B 319 -16.12 -19.96 -16.48
CA MET B 319 -15.27 -18.76 -16.43
C MET B 319 -13.89 -19.05 -17.00
N LEU B 320 -13.38 -20.24 -16.69
CA LEU B 320 -12.05 -20.63 -17.20
C LEU B 320 -12.04 -20.72 -18.74
N GLN B 321 -13.12 -21.23 -19.33
CA GLN B 321 -13.29 -21.24 -20.78
C GLN B 321 -13.24 -19.82 -21.37
N LEU B 322 -13.92 -18.88 -20.70
CA LEU B 322 -13.95 -17.49 -21.17
C LEU B 322 -12.59 -16.82 -21.05
N VAL B 323 -11.83 -17.19 -20.03
CA VAL B 323 -10.47 -16.68 -19.90
C VAL B 323 -9.61 -17.15 -21.06
N GLU B 324 -9.75 -18.41 -21.46
CA GLU B 324 -9.02 -18.90 -22.63
C GLU B 324 -9.45 -18.15 -23.88
N GLU B 325 -10.77 -18.00 -24.06
CA GLU B 325 -11.32 -17.33 -25.23
C GLU B 325 -10.95 -15.85 -25.32
N SER B 326 -10.72 -15.24 -24.17
CA SER B 326 -10.52 -13.79 -24.11
C SER B 326 -9.06 -13.36 -24.04
N PHE B 327 -8.21 -14.19 -23.43
CA PHE B 327 -6.87 -13.73 -23.06
C PHE B 327 -5.71 -14.65 -23.47
N SER B 328 -6.02 -15.85 -23.95
CA SER B 328 -4.96 -16.85 -24.18
C SER B 328 -3.95 -16.43 -25.25
N ARG B 329 -4.35 -15.52 -26.13
CA ARG B 329 -3.45 -15.00 -27.15
C ARG B 329 -2.68 -13.78 -26.68
N LYS B 330 -2.88 -13.39 -25.42
CA LYS B 330 -2.19 -12.24 -24.86
C LYS B 330 -1.48 -12.58 -23.55
N LYS B 331 -0.88 -13.76 -23.52
CA LYS B 331 -0.15 -14.20 -22.33
C LYS B 331 1.05 -13.30 -22.07
N SER B 332 1.50 -12.62 -23.11
CA SER B 332 2.56 -11.61 -23.00
C SER B 332 2.19 -10.51 -22.00
N GLY B 333 0.89 -10.35 -21.74
CA GLY B 333 0.41 -9.31 -20.83
C GLY B 333 0.02 -8.06 -21.59
N PHE B 334 -0.70 -7.17 -20.92
CA PHE B 334 -1.21 -5.95 -21.55
C PHE B 334 -0.41 -4.74 -21.10
N THR B 335 0.06 -3.95 -22.06
CA THR B 335 0.55 -2.61 -21.76
C THR B 335 -0.62 -1.74 -21.31
N VAL B 336 -0.32 -0.57 -20.76
CA VAL B 336 -1.39 0.36 -20.39
C VAL B 336 -2.23 0.69 -21.62
N HIS B 337 -1.57 0.92 -22.75
CA HIS B 337 -2.28 1.25 -23.98
C HIS B 337 -3.23 0.11 -24.37
N GLU B 338 -2.73 -1.12 -24.34
CA GLU B 338 -3.54 -2.29 -24.68
C GLU B 338 -4.67 -2.51 -23.67
N ALA B 339 -4.41 -2.21 -22.41
CA ALA B 339 -5.42 -2.37 -21.38
C ALA B 339 -6.55 -1.35 -21.60
N SER B 340 -6.19 -0.11 -21.95
CA SER B 340 -7.18 0.92 -22.26
C SER B 340 -8.06 0.49 -23.43
N THR B 341 -7.44 -0.12 -24.43
CA THR B 341 -8.17 -0.60 -25.60
C THR B 341 -9.16 -1.71 -25.24
N ALA B 342 -8.70 -2.67 -24.42
CA ALA B 342 -9.53 -3.77 -23.95
C ALA B 342 -10.69 -3.29 -23.07
N LEU B 343 -10.58 -2.10 -22.52
CA LEU B 343 -11.65 -1.53 -21.69
C LEU B 343 -12.45 -0.49 -22.47
N ASN B 344 -12.06 -0.29 -23.73
CA ASN B 344 -12.68 0.71 -24.61
C ASN B 344 -12.65 2.13 -24.03
N CYS B 345 -11.54 2.49 -23.39
CA CYS B 345 -11.43 3.84 -22.84
C CYS B 345 -10.09 4.44 -23.22
N SER B 346 -9.91 5.72 -22.93
CA SER B 346 -8.63 6.36 -23.23
C SER B 346 -7.61 6.01 -22.17
N ARG B 347 -6.35 6.28 -22.47
CA ARG B 347 -5.28 6.09 -21.52
C ARG B 347 -5.50 6.94 -20.27
N GLU B 348 -5.96 8.16 -20.46
CA GLU B 348 -6.20 9.07 -19.34
C GLU B 348 -7.26 8.53 -18.40
N GLU B 349 -8.32 7.97 -18.96
CA GLU B 349 -9.38 7.36 -18.16
C GLU B 349 -8.93 6.05 -17.52
N PHE B 350 -8.14 5.28 -18.25
CA PHE B 350 -7.61 4.05 -17.67
C PHE B 350 -6.72 4.37 -16.47
N THR B 351 -5.82 5.32 -16.67
CA THR B 351 -4.87 5.74 -15.63
C THR B 351 -5.59 6.26 -14.39
N ARG B 352 -6.54 7.16 -14.62
CA ARG B 352 -7.37 7.73 -13.58
C ARG B 352 -8.11 6.66 -12.78
N ASP B 353 -8.76 5.74 -13.50
CA ASP B 353 -9.59 4.74 -12.86
C ASP B 353 -8.86 3.55 -12.25
N TYR B 354 -7.65 3.24 -12.72
CA TYR B 354 -7.00 2.03 -12.24
C TYR B 354 -5.61 2.20 -11.65
N LEU B 355 -4.98 3.35 -11.90
CA LEU B 355 -3.57 3.53 -11.54
C LEU B 355 -3.31 4.72 -10.58
N THR B 356 -4.35 5.23 -9.93
CA THR B 356 -4.19 6.55 -9.30
C THR B 356 -3.59 6.60 -7.90
N THR B 357 -4.26 5.99 -6.94
CA THR B 357 -3.91 6.28 -5.55
C THR B 357 -2.80 5.37 -4.98
N PHE B 358 -2.70 4.15 -5.48
CA PHE B 358 -1.71 3.21 -4.97
C PHE B 358 -0.56 2.89 -5.93
N PRO B 359 0.67 2.94 -5.43
CA PRO B 359 1.89 2.79 -6.23
C PRO B 359 1.97 1.43 -6.89
N VAL B 360 2.37 1.39 -8.16
N VAL B 360 2.42 1.38 -8.14
CA VAL B 360 2.59 0.12 -8.85
CA VAL B 360 2.55 0.13 -8.86
C VAL B 360 3.77 0.17 -9.81
C VAL B 360 3.72 0.16 -9.86
N ARG B 361 4.38 -0.99 -10.02
CA ARG B 361 5.48 -1.10 -10.96
C ARG B 361 5.22 -2.27 -11.87
N PHE B 362 5.06 -2.00 -13.17
CA PHE B 362 4.83 -3.08 -14.12
C PHE B 362 5.15 -2.57 -15.50
N GLN B 363 5.52 -3.47 -16.39
CA GLN B 363 5.57 -3.13 -17.80
C GLN B 363 4.27 -3.59 -18.43
N VAL B 364 3.77 -4.73 -17.98
CA VAL B 364 2.50 -5.25 -18.47
C VAL B 364 1.61 -5.73 -17.33
N LEU B 365 0.30 -5.73 -17.58
CA LEU B 365 -0.66 -6.33 -16.68
C LEU B 365 -1.01 -7.70 -17.22
N LYS B 366 -0.82 -8.73 -16.40
CA LYS B 366 -0.97 -10.12 -16.84
C LYS B 366 -2.38 -10.65 -16.58
N LEU B 367 -3.33 -10.14 -17.36
CA LEU B 367 -4.75 -10.43 -17.19
C LEU B 367 -5.06 -11.91 -17.36
N TYR B 368 -4.41 -12.56 -18.32
CA TYR B 368 -4.67 -13.99 -18.54
C TYR B 368 -4.30 -14.79 -17.29
N GLN B 369 -3.05 -14.67 -16.86
CA GLN B 369 -2.53 -15.46 -15.75
C GLN B 369 -3.26 -15.21 -14.42
N ARG B 370 -3.57 -13.94 -14.15
CA ARG B 370 -4.16 -13.57 -12.87
C ARG B 370 -5.62 -14.02 -12.81
N ALA B 371 -6.35 -13.80 -13.88
CA ALA B 371 -7.73 -14.26 -13.93
C ALA B 371 -7.76 -15.78 -13.90
N LYS B 372 -6.86 -16.42 -14.65
CA LYS B 372 -6.79 -17.88 -14.63
C LYS B 372 -6.52 -18.39 -13.22
N HIS B 373 -5.60 -17.73 -12.50
CA HIS B 373 -5.33 -18.13 -11.13
C HIS B 373 -6.56 -18.01 -10.23
N VAL B 374 -7.21 -16.86 -10.24
CA VAL B 374 -8.31 -16.61 -9.30
C VAL B 374 -9.46 -17.59 -9.52
N TYR B 375 -9.86 -17.79 -10.77
CA TYR B 375 -10.94 -18.74 -11.05
C TYR B 375 -10.53 -20.20 -10.80
N SER B 376 -9.31 -20.58 -11.17
CA SER B 376 -8.91 -21.98 -11.00
C SER B 376 -8.70 -22.32 -9.53
N GLU B 377 -8.18 -21.35 -8.77
CA GLU B 377 -7.94 -21.53 -7.34
C GLU B 377 -9.26 -21.58 -6.57
N SER B 378 -10.20 -20.72 -6.96
CA SER B 378 -11.54 -20.75 -6.37
C SER B 378 -12.23 -22.08 -6.65
N LEU B 379 -12.02 -22.59 -7.86
CA LEU B 379 -12.52 -23.91 -8.26
C LEU B 379 -11.87 -25.02 -7.42
N ARG B 380 -10.57 -24.89 -7.14
CA ARG B 380 -9.91 -25.90 -6.34
C ARG B 380 -10.50 -26.01 -4.92
N VAL B 381 -10.95 -24.89 -4.37
CA VAL B 381 -11.61 -24.89 -3.07
C VAL B 381 -12.85 -25.77 -3.10
N LEU B 382 -13.68 -25.57 -4.12
CA LEU B 382 -14.89 -26.36 -4.29
C LEU B 382 -14.60 -27.82 -4.55
N LYS B 383 -13.57 -28.10 -5.34
CA LYS B 383 -13.20 -29.47 -5.62
C LYS B 383 -12.73 -30.16 -4.35
N ALA B 384 -12.01 -29.42 -3.50
CA ALA B 384 -11.57 -29.95 -2.22
C ALA B 384 -12.77 -30.37 -1.34
N LEU B 385 -13.77 -29.49 -1.28
CA LEU B 385 -14.96 -29.75 -0.48
C LEU B 385 -15.76 -30.92 -1.03
N LYS B 386 -15.89 -30.96 -2.35
CA LYS B 386 -16.57 -32.06 -3.02
C LYS B 386 -15.85 -33.38 -2.75
N MET B 387 -14.53 -33.36 -2.90
CA MET B 387 -13.70 -34.53 -2.61
C MET B 387 -13.85 -35.00 -1.16
N MET B 388 -13.95 -34.04 -0.23
CA MET B 388 -14.09 -34.38 1.19
C MET B 388 -15.40 -35.08 1.53
N THR B 389 -16.48 -34.66 0.88
CA THR B 389 -17.80 -35.18 1.22
C THR B 389 -18.20 -36.43 0.44
N SER B 390 -17.49 -36.72 -0.65
CA SER B 390 -17.78 -37.91 -1.44
C SER B 390 -17.15 -39.16 -0.84
N ALA B 391 -17.87 -40.29 -0.94
CA ALA B 391 -17.36 -41.57 -0.46
C ALA B 391 -16.90 -42.43 -1.64
N THR B 392 -15.76 -42.07 -2.22
CA THR B 392 -15.22 -42.78 -3.38
C THR B 392 -13.81 -43.30 -3.10
N PHE B 393 -13.37 -43.20 -1.85
CA PHE B 393 -12.03 -43.62 -1.48
C PHE B 393 -11.98 -45.05 -0.99
N HIS B 394 -11.53 -45.94 -1.87
CA HIS B 394 -11.40 -47.36 -1.53
C HIS B 394 -10.17 -47.57 -0.66
N THR B 395 -9.15 -46.74 -0.88
CA THR B 395 -7.92 -46.79 -0.10
C THR B 395 -7.60 -45.42 0.48
N ASP B 396 -6.83 -45.42 1.56
CA ASP B 396 -6.41 -44.17 2.20
C ASP B 396 -5.50 -43.38 1.26
N GLU B 397 -4.67 -44.10 0.52
CA GLU B 397 -3.74 -43.45 -0.40
C GLU B 397 -4.50 -42.69 -1.49
N ASP B 398 -5.69 -43.16 -1.82
CA ASP B 398 -6.54 -42.48 -2.80
C ASP B 398 -6.85 -41.07 -2.34
N PHE B 399 -7.12 -40.91 -1.05
CA PHE B 399 -7.43 -39.59 -0.53
C PHE B 399 -6.21 -38.69 -0.45
N PHE B 400 -5.14 -39.17 0.19
CA PHE B 400 -3.93 -38.38 0.33
C PHE B 400 -3.38 -37.93 -1.01
N THR B 401 -3.48 -38.80 -2.01
CA THR B 401 -3.00 -38.47 -3.36
C THR B 401 -3.87 -37.40 -4.00
N ASP B 402 -5.17 -37.67 -4.12
CA ASP B 402 -6.09 -36.78 -4.83
C ASP B 402 -6.18 -35.39 -4.19
N PHE B 403 -6.23 -35.35 -2.86
CA PHE B 403 -6.29 -34.08 -2.17
C PHE B 403 -4.95 -33.37 -2.29
N GLY B 404 -3.88 -34.14 -2.20
CA GLY B 404 -2.54 -33.61 -2.35
C GLY B 404 -2.33 -32.98 -3.70
N ARG B 405 -2.92 -33.58 -4.74
N ARG B 405 -2.92 -33.58 -4.74
CA ARG B 405 -2.79 -33.07 -6.10
CA ARG B 405 -2.82 -33.08 -6.10
C ARG B 405 -3.43 -31.70 -6.24
C ARG B 405 -3.42 -31.69 -6.22
N LEU B 406 -4.55 -31.49 -5.56
CA LEU B 406 -5.22 -30.18 -5.56
C LEU B 406 -4.31 -29.16 -4.91
N MET B 407 -3.63 -29.56 -3.83
CA MET B 407 -2.72 -28.64 -3.15
C MET B 407 -1.54 -28.32 -4.06
N ASN B 408 -0.98 -29.35 -4.69
CA ASN B 408 0.11 -29.14 -5.62
C ASN B 408 -0.32 -28.27 -6.81
N GLU B 409 -1.53 -28.49 -7.33
CA GLU B 409 -2.04 -27.70 -8.44
C GLU B 409 -2.19 -26.25 -8.02
N SER B 410 -2.57 -26.04 -6.76
CA SER B 410 -2.70 -24.69 -6.22
C SER B 410 -1.34 -24.02 -6.14
N GLN B 411 -0.34 -24.75 -5.65
CA GLN B 411 1.01 -24.20 -5.53
C GLN B 411 1.56 -23.81 -6.89
N ALA B 412 1.32 -24.65 -7.89
CA ALA B 412 1.78 -24.35 -9.25
C ALA B 412 1.11 -23.10 -9.81
N SER B 413 -0.18 -22.93 -9.49
CA SER B 413 -0.90 -21.73 -9.91
C SER B 413 -0.32 -20.49 -9.24
N CYS B 414 -0.21 -20.51 -7.90
CA CYS B 414 0.40 -19.40 -7.18
C CYS B 414 1.78 -19.04 -7.72
N ASP B 415 2.56 -20.06 -8.03
CA ASP B 415 3.93 -19.86 -8.48
C ASP B 415 4.00 -19.28 -9.88
N LYS B 416 3.37 -19.96 -10.85
CA LYS B 416 3.54 -19.62 -12.25
C LYS B 416 2.50 -18.61 -12.78
N LEU B 417 1.24 -18.76 -12.38
CA LEU B 417 0.20 -17.85 -12.85
C LEU B 417 0.15 -16.55 -12.03
N TYR B 418 0.20 -16.66 -10.70
CA TYR B 418 0.11 -15.45 -9.88
C TYR B 418 1.48 -14.88 -9.50
N GLU B 419 2.52 -15.67 -9.70
CA GLU B 419 3.87 -15.30 -9.31
C GLU B 419 3.96 -14.70 -7.90
N CYS B 420 3.38 -15.39 -6.91
CA CYS B 420 3.44 -14.91 -5.54
C CYS B 420 4.16 -15.93 -4.63
N SER B 421 4.86 -16.87 -5.25
CA SER B 421 5.73 -17.78 -4.52
C SER B 421 7.08 -17.09 -4.34
N CYS B 422 8.07 -17.83 -3.85
CA CYS B 422 9.44 -17.35 -3.81
C CYS B 422 10.33 -18.59 -3.76
N ILE B 423 11.64 -18.40 -3.95
CA ILE B 423 12.55 -19.54 -4.06
C ILE B 423 12.53 -20.43 -2.80
N GLU B 424 12.50 -19.80 -1.62
CA GLU B 424 12.45 -20.55 -0.37
C GLU B 424 11.18 -21.38 -0.30
N THR B 425 10.05 -20.80 -0.75
CA THR B 425 8.79 -21.53 -0.78
C THR B 425 8.90 -22.75 -1.69
N ASN B 426 9.45 -22.51 -2.88
CA ASN B 426 9.57 -23.55 -3.89
C ASN B 426 10.53 -24.65 -3.47
N GLN B 427 11.62 -24.28 -2.81
CA GLN B 427 12.57 -25.24 -2.29
C GLN B 427 11.90 -26.10 -1.22
N ILE B 428 11.25 -25.46 -0.26
CA ILE B 428 10.59 -26.18 0.82
C ILE B 428 9.57 -27.20 0.30
N CYS B 429 8.79 -26.80 -0.69
CA CYS B 429 7.74 -27.68 -1.22
C CYS B 429 8.32 -28.87 -1.99
N SER B 430 9.39 -28.61 -2.73
CA SER B 430 10.04 -29.64 -3.53
C SER B 430 10.62 -30.72 -2.62
N ILE B 431 11.29 -30.27 -1.56
CA ILE B 431 11.83 -31.16 -0.54
C ILE B 431 10.73 -31.97 0.13
N ALA B 432 9.64 -31.31 0.51
CA ALA B 432 8.56 -31.98 1.22
C ALA B 432 7.94 -33.10 0.39
N LEU B 433 7.61 -32.81 -0.85
CA LEU B 433 6.98 -33.79 -1.72
C LEU B 433 7.86 -35.01 -2.02
N ALA B 434 9.18 -34.81 -2.02
CA ALA B 434 10.10 -35.91 -2.31
C ALA B 434 10.46 -36.66 -1.03
N ASN B 435 9.82 -36.28 0.07
CA ASN B 435 10.18 -36.84 1.38
C ASN B 435 9.00 -37.09 2.32
N GLY B 436 7.85 -37.45 1.78
CA GLY B 436 6.75 -37.87 2.62
C GLY B 436 5.47 -37.05 2.51
N SER B 437 5.55 -35.88 1.89
CA SER B 437 4.36 -35.06 1.68
C SER B 437 3.59 -35.47 0.42
N PHE B 438 2.27 -35.47 0.51
CA PHE B 438 1.42 -35.74 -0.64
C PHE B 438 1.00 -34.47 -1.39
N GLY B 439 1.11 -33.33 -0.73
CA GLY B 439 0.73 -32.06 -1.32
C GLY B 439 1.29 -30.91 -0.53
N SER B 440 1.89 -29.95 -1.23
CA SER B 440 2.63 -28.87 -0.59
C SER B 440 2.39 -27.54 -1.31
N ARG B 441 2.11 -26.48 -0.54
CA ARG B 441 1.83 -25.17 -1.11
C ARG B 441 2.11 -24.06 -0.10
N LEU B 442 2.31 -22.84 -0.60
CA LEU B 442 2.38 -21.67 0.28
C LEU B 442 1.00 -21.41 0.86
N THR B 443 0.97 -20.69 1.96
CA THR B 443 -0.30 -20.28 2.55
C THR B 443 -0.07 -18.93 3.18
N GLY B 444 -1.10 -18.07 3.17
CA GLY B 444 -0.94 -16.75 3.74
C GLY B 444 -0.79 -15.71 2.64
N ALA B 445 -0.03 -14.66 2.93
CA ALA B 445 0.06 -13.51 2.05
C ALA B 445 0.93 -13.72 0.81
N GLY B 446 1.76 -14.75 0.81
CA GLY B 446 2.64 -14.99 -0.33
C GLY B 446 3.94 -14.20 -0.27
N TRP B 447 4.80 -14.39 -1.28
CA TRP B 447 6.14 -13.79 -1.32
C TRP B 447 6.94 -14.00 -0.02
N GLY B 448 6.87 -15.22 0.51
CA GLY B 448 7.47 -15.56 1.80
C GLY B 448 6.43 -16.19 2.70
N GLY B 449 6.57 -15.99 4.01
CA GLY B 449 5.60 -16.53 4.96
C GLY B 449 5.64 -18.04 5.07
N CYS B 450 4.48 -18.65 5.35
CA CYS B 450 4.39 -20.08 5.66
C CYS B 450 4.05 -20.99 4.48
N THR B 451 4.20 -22.28 4.70
CA THR B 451 3.86 -23.33 3.74
C THR B 451 3.13 -24.44 4.48
N ILE B 452 2.27 -25.18 3.79
CA ILE B 452 1.50 -26.25 4.42
C ILE B 452 1.58 -27.53 3.59
N HIS B 453 1.71 -28.67 4.28
CA HIS B 453 1.97 -29.95 3.62
C HIS B 453 1.06 -31.06 4.17
N LEU B 454 0.40 -31.77 3.26
CA LEU B 454 -0.46 -32.87 3.66
C LEU B 454 0.40 -34.08 3.94
N VAL B 455 0.40 -34.52 5.20
CA VAL B 455 1.28 -35.60 5.64
C VAL B 455 0.51 -36.53 6.57
N PRO B 456 0.47 -37.83 6.23
CA PRO B 456 -0.14 -38.84 7.11
C PRO B 456 0.59 -38.86 8.45
N SER B 457 -0.14 -38.95 9.55
CA SER B 457 0.50 -38.98 10.86
C SER B 457 0.16 -40.25 11.65
N GLY B 458 0.81 -40.40 12.81
CA GLY B 458 0.59 -41.56 13.64
C GLY B 458 1.74 -42.54 13.49
N ALA B 459 1.46 -43.80 13.81
CA ALA B 459 2.49 -44.85 13.79
C ALA B 459 3.12 -44.99 12.40
N ASN B 460 2.28 -45.16 11.39
CA ASN B 460 2.77 -45.30 10.02
C ASN B 460 2.60 -44.00 9.22
N GLY B 461 3.00 -42.88 9.81
CA GLY B 461 2.93 -41.58 9.13
C GLY B 461 4.30 -41.08 8.69
N ASN B 462 4.31 -40.04 7.87
CA ASN B 462 5.58 -39.51 7.38
C ASN B 462 6.02 -38.21 8.06
N VAL B 463 5.39 -37.88 9.19
CA VAL B 463 5.66 -36.61 9.85
C VAL B 463 7.13 -36.39 10.14
N GLU B 464 7.77 -37.39 10.74
CA GLU B 464 9.19 -37.26 11.07
C GLU B 464 10.09 -37.32 9.84
N GLN B 465 9.67 -38.05 8.82
CA GLN B 465 10.41 -38.09 7.56
C GLN B 465 10.46 -36.71 6.91
N VAL B 466 9.31 -36.04 6.86
CA VAL B 466 9.24 -34.70 6.29
C VAL B 466 10.03 -33.69 7.12
N ARG B 467 9.82 -33.72 8.43
CA ARG B 467 10.43 -32.76 9.33
C ARG B 467 11.95 -32.81 9.27
N LYS B 468 12.51 -34.02 9.26
CA LYS B 468 13.95 -34.22 9.15
C LYS B 468 14.48 -33.75 7.80
N ALA B 469 13.74 -34.08 6.75
CA ALA B 469 14.10 -33.63 5.40
C ALA B 469 14.21 -32.12 5.33
N LEU B 470 13.23 -31.42 5.89
CA LEU B 470 13.21 -29.95 5.86
C LEU B 470 14.32 -29.34 6.71
N ILE B 471 14.54 -29.91 7.89
CA ILE B 471 15.57 -29.40 8.76
C ILE B 471 16.94 -29.55 8.10
N GLU B 472 17.23 -30.76 7.64
CA GLU B 472 18.55 -31.06 7.09
C GLU B 472 18.80 -30.48 5.70
N LYS B 473 17.75 -30.43 4.87
CA LYS B 473 17.93 -30.00 3.48
C LYS B 473 17.51 -28.55 3.19
N PHE B 474 16.68 -27.95 4.04
CA PHE B 474 16.37 -26.54 3.87
C PHE B 474 17.00 -25.63 4.94
N TYR B 475 16.53 -25.74 6.18
CA TYR B 475 16.91 -24.81 7.24
C TYR B 475 18.41 -24.82 7.56
N ASN B 476 18.97 -26.01 7.76
CA ASN B 476 20.39 -26.16 8.06
C ASN B 476 21.27 -25.54 6.98
N VAL B 477 20.76 -25.55 5.75
CA VAL B 477 21.47 -24.99 4.62
C VAL B 477 21.29 -23.48 4.53
N ARG B 478 20.05 -23.05 4.35
CA ARG B 478 19.76 -21.63 4.14
C ARG B 478 19.96 -20.78 5.39
N TYR B 479 19.56 -21.33 6.52
CA TYR B 479 19.68 -20.61 7.79
C TYR B 479 20.50 -21.41 8.82
N PRO B 480 21.83 -21.48 8.63
CA PRO B 480 22.70 -22.30 9.49
C PRO B 480 22.70 -21.84 10.95
N ASP B 481 22.57 -20.54 11.18
CA ASP B 481 22.69 -19.99 12.53
C ASP B 481 21.36 -19.87 13.25
N LEU B 482 20.40 -20.70 12.88
CA LEU B 482 19.15 -20.78 13.62
C LEU B 482 19.38 -21.47 14.96
N THR B 483 18.88 -20.89 16.04
CA THR B 483 18.93 -21.54 17.34
C THR B 483 17.89 -22.66 17.38
N ASP B 484 18.01 -23.51 18.39
CA ASP B 484 17.10 -24.65 18.52
C ASP B 484 15.67 -24.18 18.78
N GLU B 485 15.53 -23.02 19.41
CA GLU B 485 14.22 -22.45 19.67
C GLU B 485 13.60 -21.88 18.38
N GLU B 486 14.42 -21.19 17.61
CA GLU B 486 14.00 -20.67 16.32
C GLU B 486 13.70 -21.81 15.36
N LEU B 487 14.60 -22.79 15.33
CA LEU B 487 14.46 -23.93 14.45
C LEU B 487 13.22 -24.77 14.83
N LYS B 488 12.82 -24.70 16.09
CA LYS B 488 11.64 -25.41 16.56
C LYS B 488 10.36 -24.68 16.19
N ASP B 489 10.35 -23.37 16.36
CA ASP B 489 9.19 -22.56 16.02
C ASP B 489 8.90 -22.52 14.52
N ALA B 490 9.90 -22.85 13.71
CA ALA B 490 9.77 -22.76 12.26
C ALA B 490 8.91 -23.86 11.67
N ILE B 491 8.89 -25.02 12.34
CA ILE B 491 8.11 -26.16 11.87
C ILE B 491 7.18 -26.65 12.97
N ILE B 492 5.87 -26.65 12.70
CA ILE B 492 4.93 -27.31 13.58
C ILE B 492 4.04 -28.28 12.82
N VAL B 493 3.41 -29.18 13.57
CA VAL B 493 2.52 -30.21 13.03
C VAL B 493 1.17 -30.04 13.69
N SER B 494 0.11 -30.10 12.90
CA SER B 494 -1.23 -29.94 13.45
C SER B 494 -2.29 -30.72 12.70
N LYS B 495 -3.34 -31.07 13.44
CA LYS B 495 -4.58 -31.60 12.90
C LYS B 495 -5.59 -30.47 13.05
N PRO B 496 -6.76 -30.59 12.40
CA PRO B 496 -7.75 -29.51 12.56
C PRO B 496 -8.20 -29.41 14.01
N ALA B 497 -8.38 -28.20 14.53
CA ALA B 497 -8.67 -28.06 15.96
C ALA B 497 -10.01 -27.43 16.24
N LEU B 498 -10.42 -27.53 17.50
CA LEU B 498 -11.64 -26.92 18.01
C LEU B 498 -11.49 -25.41 18.07
N GLY B 499 -12.59 -24.70 17.83
CA GLY B 499 -12.59 -23.26 17.89
C GLY B 499 -12.64 -22.70 19.31
N THR B 500 -12.90 -21.40 19.41
CA THR B 500 -12.89 -20.68 20.69
C THR B 500 -13.76 -21.37 21.73
N CYS B 501 -13.26 -21.50 22.95
N CYS B 501 -13.26 -21.51 22.94
CA CYS B 501 -13.96 -22.25 23.99
CA CYS B 501 -14.07 -22.10 24.00
C CYS B 501 -13.52 -21.87 25.41
C CYS B 501 -13.58 -21.73 25.39
N LEU B 502 -14.43 -22.01 26.38
CA LEU B 502 -14.15 -21.72 27.78
C LEU B 502 -14.01 -23.01 28.60
N TYR B 503 -13.10 -22.97 29.56
CA TYR B 503 -12.94 -24.06 30.52
C TYR B 503 -13.07 -23.49 31.93
N GLU B 504 -14.18 -23.79 32.59
CA GLU B 504 -14.40 -23.39 33.98
C GLU B 504 -13.49 -24.19 34.92
N GLN B 505 -12.97 -23.54 35.95
CA GLN B 505 -12.03 -24.18 36.86
C GLN B 505 -12.69 -24.41 38.21
S SO4 C . -18.40 31.15 -12.49
O1 SO4 C . -18.64 32.38 -11.75
O2 SO4 C . -18.03 31.49 -13.87
O3 SO4 C . -17.29 30.39 -11.90
O4 SO4 C . -19.59 30.31 -12.54
S SO4 D . 6.95 24.82 -25.96
O1 SO4 D . 6.89 25.01 -27.41
O2 SO4 D . 7.61 23.55 -25.69
O3 SO4 D . 7.70 25.92 -25.34
O4 SO4 D . 5.61 24.79 -25.38
S SO4 E . 12.72 11.04 -4.76
O1 SO4 E . 12.48 12.48 -4.69
O2 SO4 E . 12.73 10.63 -6.15
O3 SO4 E . 13.98 10.66 -4.11
O4 SO4 E . 11.61 10.38 -4.08
S SO4 F . 19.48 16.93 -38.60
O1 SO4 F . 18.70 17.26 -37.41
O2 SO4 F . 20.17 18.13 -39.03
O3 SO4 F . 20.46 15.88 -38.29
O4 SO4 F . 18.58 16.43 -39.64
S SO4 G . -15.59 1.08 15.40
O1 SO4 G . -17.00 1.49 15.34
O2 SO4 G . -14.69 2.12 14.87
O3 SO4 G . -15.20 0.81 16.78
O4 SO4 G . -15.43 -0.13 14.61
S SO4 H . -18.14 8.37 -6.36
O1 SO4 H . -19.10 8.99 -7.29
O2 SO4 H . -16.94 8.00 -7.11
O3 SO4 H . -17.81 9.32 -5.31
O4 SO4 H . -18.72 7.17 -5.76
S SO4 I . 26.67 24.33 -2.38
O1 SO4 I . 26.17 25.54 -3.04
O2 SO4 I . 27.05 23.34 -3.39
O3 SO4 I . 27.81 24.67 -1.55
O4 SO4 I . 25.60 23.75 -1.56
S SO4 J . -26.00 -1.14 10.67
O1 SO4 J . -27.11 -1.05 9.73
O2 SO4 J . -24.75 -1.29 9.94
O3 SO4 J . -25.95 0.07 11.48
O4 SO4 J . -26.19 -2.31 11.53
S SO4 K . 15.76 45.10 2.71
O1 SO4 K . 15.99 46.41 3.32
O2 SO4 K . 17.03 44.52 2.31
O3 SO4 K . 15.11 44.21 3.66
O4 SO4 K . 14.91 45.29 1.52
S SO4 L . -22.45 12.26 -13.33
O1 SO4 L . -23.20 13.21 -14.15
O2 SO4 L . -21.11 12.78 -13.10
O3 SO4 L . -23.11 12.07 -12.04
O4 SO4 L . -22.37 10.97 -14.02
S SO4 M . -22.95 -1.16 14.73
O1 SO4 M . -24.40 -1.31 14.71
O2 SO4 M . -22.49 -0.74 13.42
O3 SO4 M . -22.56 -0.16 15.72
O4 SO4 M . -22.34 -2.45 15.08
S SO4 N . 7.66 8.18 -41.38
O1 SO4 N . 7.59 8.19 -42.83
O2 SO4 N . 9.06 8.24 -40.97
O3 SO4 N . 6.94 9.34 -40.85
O4 SO4 N . 7.05 6.97 -40.85
S SO4 O . -2.02 35.60 4.20
O1 SO4 O . -1.67 35.67 2.78
O2 SO4 O . -1.77 36.89 4.82
O3 SO4 O . -3.44 35.27 4.33
O4 SO4 O . -1.22 34.58 4.86
S SO4 P . 0.80 10.23 -26.94
O1 SO4 P . -0.42 10.22 -27.75
O2 SO4 P . 1.88 10.91 -27.64
O3 SO4 P . 0.56 10.98 -25.71
O4 SO4 P . 1.17 8.87 -26.62
S SO4 Q . -6.13 7.71 -26.21
O1 SO4 Q . -6.00 9.02 -25.57
O2 SO4 Q . -5.36 7.67 -27.44
O3 SO4 Q . -5.59 6.69 -25.29
O4 SO4 Q . -7.54 7.44 -26.48
S SO4 R . 2.64 1.54 -21.76
O1 SO4 R . 1.41 1.74 -22.52
O2 SO4 R . 3.72 1.26 -22.71
O3 SO4 R . 2.98 2.73 -20.99
O4 SO4 R . 2.48 0.41 -20.84
S SO4 S . -17.57 -0.82 -10.75
O1 SO4 S . -18.87 -1.21 -11.30
O2 SO4 S . -17.18 0.50 -11.25
O3 SO4 S . -17.65 -0.79 -9.28
O4 SO4 S . -16.58 -1.80 -11.17
S SO4 T . 0.22 -14.05 11.64
O1 SO4 T . -0.12 -13.16 10.54
O2 SO4 T . 1.67 -14.14 11.81
O3 SO4 T . -0.37 -13.55 12.89
O4 SO4 T . -0.31 -15.37 11.34
S SO4 U . 5.21 -30.10 16.88
O1 SO4 U . 3.95 -29.48 16.47
O2 SO4 U . 6.33 -29.32 16.38
O3 SO4 U . 5.25 -30.15 18.35
O4 SO4 U . 5.30 -31.46 16.36
S SO4 V . -27.00 -2.42 -10.43
O1 SO4 V . -27.81 -2.08 -11.60
O2 SO4 V . -25.81 -1.57 -10.42
O3 SO4 V . -27.78 -2.17 -9.21
O4 SO4 V . -26.61 -3.82 -10.49
S SO4 W . -22.36 -16.38 37.93
O1 SO4 W . -21.99 -15.85 39.25
O2 SO4 W . -21.15 -16.56 37.14
O3 SO4 W . -23.02 -17.66 38.11
O4 SO4 W . -23.25 -15.45 37.26
S SO4 X . -24.30 -28.64 -3.18
O1 SO4 X . -24.46 -28.01 -4.49
O2 SO4 X . -23.41 -29.79 -3.31
O3 SO4 X . -23.74 -27.68 -2.23
O4 SO4 X . -25.60 -29.08 -2.71
S SO4 Y . -21.93 -25.77 30.42
O1 SO4 Y . -21.62 -24.52 31.11
O2 SO4 Y . -21.00 -25.96 29.31
O3 SO4 Y . -21.80 -26.88 31.37
O4 SO4 Y . -23.30 -25.74 29.93
S SO4 Z . -1.83 6.95 -25.92
O1 SO4 Z . -1.80 8.31 -25.39
O2 SO4 Z . -0.47 6.48 -26.17
O3 SO4 Z . -2.48 6.06 -24.96
O4 SO4 Z . -2.58 6.93 -27.17
S SO4 AA . -19.09 2.08 19.24
O1 SO4 AA . -20.04 1.94 20.33
O2 SO4 AA . -18.17 3.18 19.53
O3 SO4 AA . -18.33 0.84 19.08
O4 SO4 AA . -19.80 2.37 17.99
S SO4 BA . -26.68 -3.11 17.56
O1 SO4 BA . -27.83 -3.31 16.67
O2 SO4 BA . -26.28 -1.70 17.53
O3 SO4 BA . -27.07 -3.47 18.92
O4 SO4 BA . -25.57 -3.95 17.11
S SO4 CA . -23.86 -21.08 18.22
O1 SO4 CA . -24.91 -20.05 18.33
O2 SO4 CA . -23.08 -22.26 18.58
O3 SO4 CA . -23.33 -20.37 19.37
O4 SO4 CA . -24.20 -21.32 16.81
#